data_1YIQ
#
_entry.id   1YIQ
#
_cell.length_a   75.476
_cell.length_b   75.476
_cell.length_c   237.894
_cell.angle_alpha   90.00
_cell.angle_beta   90.00
_cell.angle_gamma   120.00
#
_symmetry.space_group_name_H-M   'P 61'
#
loop_
_entity.id
_entity.type
_entity.pdbx_description
1 polymer 'Quinohemoprotein alcohol dehydrogenase'
2 non-polymer 'CALCIUM ION'
3 non-polymer 'PYRROLOQUINOLINE QUINONE'
4 non-polymer 'HEME C'
5 non-polymer R-1,2-PROPANEDIOL
6 water water
#
_entity_poly.entity_id   1
_entity_poly.type   'polypeptide(L)'
_entity_poly.pdbx_seq_one_letter_code
;ADIPANVDGARIIAADKEPGNWMSTGRTYDEQRYSPLKQISDQNVGQLGLAWSYKLDLDRGVEATPIVVDGVMYTTGPFS
VVYALDARDGRLIWKYDPQSDRHRAGEACCDAVNRGVAVWKGKVYVGVLDGRLEAIDAKTGQRAWSVDTRADHKRSYTIT
GAPRVVNGKVVIGNGGAEFGVRGYVTAYDAETGKEAWRFYTVPGDPKLPPEGKGMEIAAKTWFGDAYVEQGGGGTAWDSF
AYDPELNLLYIGVGNGSLWDPKWRSQAKGDNLFLSSIVAVNADTGEYVWHYQTTPGDAWDYTATQHMILAELPIDGKPRK
VLMQAPKNGFFYVIDRATGELLSAKGIVPQSWTKGMDMKTGRPILDEENAAYWKNGKRNLVTPAFWGAHDWQPMSYNPDT
GLVYIPAHIMSAYYEHIPEAPKRNPFKSMYQLGLRTGMMPEGAEGLLEMAKSWSGKLIAWDPVKQQAAWEVPYVTIFNGG
TLSTAGNLVFEGSADGRVIAYAADTGEKLWEQPAASGVMAAPVTYSVDGEQYVTFMAGWGGAFSTFAGALSLRAGVQPYA
QVLTYKLGGTAKLQEPAPRPDTPKPPALSNDTASIEAGAKLYDGYCSQCHGIHAVSGGVLPDLRKLTPEKHQMFLGILFG
GRVPDGMPSFADAFTPEQVDQIHQYLIKRAHDLHQEGDTWKQFSAKSSH
;
_entity_poly.pdbx_strand_id   A
#
# COMPACT_ATOMS: atom_id res chain seq x y z
N ALA A 1 -23.23 -19.88 -22.11
CA ALA A 1 -22.65 -18.78 -21.29
C ALA A 1 -21.51 -18.10 -22.04
N ASP A 2 -21.37 -16.79 -21.79
CA ASP A 2 -20.32 -16.00 -22.43
C ASP A 2 -18.98 -16.35 -21.81
N ILE A 3 -17.90 -16.04 -22.51
CA ILE A 3 -16.55 -16.30 -22.01
C ILE A 3 -16.43 -15.64 -20.64
N PRO A 4 -15.77 -16.32 -19.69
CA PRO A 4 -15.60 -15.75 -18.35
C PRO A 4 -14.74 -14.49 -18.43
N ALA A 5 -15.03 -13.51 -17.60
CA ALA A 5 -14.25 -12.28 -17.57
C ALA A 5 -14.07 -11.65 -18.95
N ASN A 6 -15.13 -11.60 -19.74
CA ASN A 6 -15.05 -11.01 -21.07
C ASN A 6 -15.27 -9.50 -20.99
N VAL A 7 -14.31 -8.81 -20.38
CA VAL A 7 -14.40 -7.37 -20.22
C VAL A 7 -13.55 -6.60 -21.22
N ASP A 8 -14.10 -5.49 -21.72
CA ASP A 8 -13.38 -4.64 -22.66
C ASP A 8 -13.65 -3.18 -22.34
N GLY A 9 -13.06 -2.28 -23.12
CA GLY A 9 -13.22 -0.86 -22.87
C GLY A 9 -14.64 -0.35 -22.72
N ALA A 10 -15.50 -0.73 -23.65
CA ALA A 10 -16.90 -0.28 -23.63
C ALA A 10 -17.71 -0.87 -22.48
N ARG A 11 -17.38 -2.09 -22.09
CA ARG A 11 -18.13 -2.72 -20.99
C ARG A 11 -17.81 -2.01 -19.67
N ILE A 12 -16.54 -1.64 -19.48
CA ILE A 12 -16.14 -0.94 -18.27
C ILE A 12 -16.75 0.46 -18.31
N ILE A 13 -16.56 1.15 -19.42
CA ILE A 13 -17.10 2.49 -19.60
C ILE A 13 -18.61 2.50 -19.34
N ALA A 14 -19.27 1.38 -19.62
CA ALA A 14 -20.72 1.25 -19.41
C ALA A 14 -21.03 0.39 -18.19
N ALA A 15 -20.14 0.43 -17.20
CA ALA A 15 -20.30 -0.35 -15.98
C ALA A 15 -21.63 -0.13 -15.26
N ASP A 16 -22.19 1.06 -15.38
CA ASP A 16 -23.47 1.36 -14.73
C ASP A 16 -24.62 0.52 -15.26
N LYS A 17 -24.47 -0.03 -16.46
CA LYS A 17 -25.53 -0.87 -17.03
C LYS A 17 -25.43 -2.27 -16.43
N GLU A 18 -24.33 -2.53 -15.74
CA GLU A 18 -24.08 -3.81 -15.09
C GLU A 18 -23.59 -3.58 -13.66
N PRO A 19 -24.39 -2.87 -12.85
CA PRO A 19 -24.01 -2.59 -11.46
C PRO A 19 -23.73 -3.85 -10.63
N GLY A 20 -24.19 -5.00 -11.12
CA GLY A 20 -23.98 -6.25 -10.41
C GLY A 20 -22.58 -6.79 -10.59
N ASN A 21 -21.82 -6.17 -11.50
CA ASN A 21 -20.44 -6.56 -11.76
C ASN A 21 -19.46 -5.48 -11.29
N TRP A 22 -18.22 -5.91 -11.05
CA TRP A 22 -17.12 -5.04 -10.61
C TRP A 22 -15.99 -5.49 -11.53
N MET A 23 -15.91 -4.86 -12.70
CA MET A 23 -14.95 -5.23 -13.73
C MET A 23 -13.60 -4.52 -13.84
N SER A 24 -13.31 -3.63 -12.91
CA SER A 24 -12.03 -2.91 -12.89
C SER A 24 -11.76 -2.75 -11.40
N THR A 25 -10.48 -2.65 -11.01
CA THR A 25 -10.17 -2.55 -9.59
C THR A 25 -10.99 -1.49 -8.84
N GLY A 26 -11.27 -0.37 -9.49
CA GLY A 26 -12.06 0.68 -8.86
C GLY A 26 -13.48 0.69 -9.40
N ARG A 27 -13.91 -0.47 -9.90
CA ARG A 27 -15.21 -0.70 -10.53
C ARG A 27 -15.30 0.00 -11.88
N THR A 28 -15.01 1.31 -11.86
CA THR A 28 -15.04 2.11 -13.08
C THR A 28 -13.69 2.75 -13.31
N TYR A 29 -13.47 3.28 -14.52
CA TYR A 29 -12.20 3.91 -14.84
C TYR A 29 -11.94 5.15 -13.97
N ASP A 30 -13.00 5.79 -13.51
CA ASP A 30 -12.87 6.97 -12.65
C ASP A 30 -12.53 6.54 -11.23
N GLU A 31 -12.55 5.23 -11.01
CA GLU A 31 -12.23 4.64 -9.73
C GLU A 31 -12.93 5.30 -8.53
N GLN A 32 -14.20 5.67 -8.73
CA GLN A 32 -14.97 6.28 -7.64
C GLN A 32 -15.30 5.24 -6.58
N ARG A 33 -15.31 3.97 -6.99
CA ARG A 33 -15.63 2.87 -6.08
C ARG A 33 -16.99 3.14 -5.44
N TYR A 34 -17.94 3.45 -6.31
CA TYR A 34 -19.32 3.74 -5.91
C TYR A 34 -20.21 2.77 -6.63
N SER A 35 -20.93 1.95 -5.88
CA SER A 35 -21.82 0.96 -6.48
C SER A 35 -23.26 1.43 -6.55
N PRO A 36 -23.88 1.38 -7.74
CA PRO A 36 -25.26 1.81 -7.92
C PRO A 36 -26.26 0.90 -7.19
N LEU A 37 -25.81 -0.33 -6.88
CA LEU A 37 -26.65 -1.32 -6.18
C LEU A 37 -27.22 -0.78 -4.87
N LYS A 38 -28.48 -1.11 -4.58
CA LYS A 38 -29.09 -0.64 -3.35
C LYS A 38 -30.07 -1.62 -2.67
N GLN A 39 -29.96 -2.91 -2.97
CA GLN A 39 -30.83 -3.90 -2.33
C GLN A 39 -30.54 -3.76 -0.84
N ILE A 40 -29.26 -3.58 -0.52
CA ILE A 40 -28.82 -3.40 0.85
C ILE A 40 -28.76 -1.89 1.03
N SER A 41 -29.34 -1.38 2.12
CA SER A 41 -29.33 0.06 2.34
C SER A 41 -29.26 0.42 3.83
N ASP A 42 -29.36 1.72 4.10
CA ASP A 42 -29.30 2.19 5.47
C ASP A 42 -30.60 1.81 6.20
N GLN A 43 -31.51 1.15 5.48
CA GLN A 43 -32.77 0.72 6.06
C GLN A 43 -32.75 -0.73 6.55
N ASN A 44 -31.92 -1.56 5.91
CA ASN A 44 -31.86 -2.97 6.29
C ASN A 44 -30.46 -3.56 6.45
N VAL A 45 -29.42 -2.76 6.24
CA VAL A 45 -28.06 -3.26 6.37
C VAL A 45 -27.87 -4.00 7.70
N GLY A 46 -28.71 -3.66 8.68
CA GLY A 46 -28.60 -4.31 9.99
C GLY A 46 -28.94 -5.79 9.95
N GLN A 47 -29.57 -6.23 8.85
CA GLN A 47 -29.95 -7.63 8.69
C GLN A 47 -28.84 -8.43 8.01
N LEU A 48 -27.78 -7.72 7.59
CA LEU A 48 -26.66 -8.34 6.90
C LEU A 48 -26.02 -9.46 7.73
N GLY A 49 -25.54 -10.49 7.04
CA GLY A 49 -24.91 -11.61 7.73
C GLY A 49 -23.96 -12.36 6.80
N LEU A 50 -22.91 -12.94 7.36
CA LEU A 50 -21.94 -13.68 6.56
C LEU A 50 -22.62 -14.74 5.71
N ALA A 51 -22.35 -14.73 4.41
CA ALA A 51 -22.95 -15.69 3.49
C ALA A 51 -22.00 -16.87 3.24
N TRP A 52 -20.73 -16.54 3.00
CA TRP A 52 -19.72 -17.56 2.77
C TRP A 52 -18.33 -16.98 2.98
N SER A 53 -17.36 -17.86 3.18
CA SER A 53 -15.99 -17.43 3.38
C SER A 53 -15.06 -18.44 2.74
N TYR A 54 -13.84 -17.99 2.43
CA TYR A 54 -12.83 -18.83 1.82
C TYR A 54 -11.50 -18.53 2.51
N LYS A 55 -10.83 -19.58 2.97
CA LYS A 55 -9.55 -19.43 3.65
C LYS A 55 -8.42 -19.33 2.62
N LEU A 56 -7.60 -18.29 2.75
CA LEU A 56 -6.47 -18.10 1.85
C LEU A 56 -5.31 -18.93 2.39
N ASP A 57 -4.33 -19.21 1.53
CA ASP A 57 -3.18 -20.03 1.89
C ASP A 57 -2.16 -19.50 2.89
N LEU A 58 -1.87 -18.20 2.87
CA LEU A 58 -0.89 -17.65 3.82
C LEU A 58 -1.48 -16.56 4.70
N ASP A 59 -1.20 -16.62 5.99
CA ASP A 59 -1.71 -15.59 6.90
C ASP A 59 -0.79 -14.38 6.99
N ARG A 60 -0.78 -13.59 5.92
CA ARG A 60 0.02 -12.38 5.86
C ARG A 60 -0.91 -11.31 5.28
N GLY A 61 -0.39 -10.10 5.08
CA GLY A 61 -1.23 -9.03 4.55
C GLY A 61 -2.11 -9.38 3.36
N VAL A 62 -3.37 -8.96 3.43
CA VAL A 62 -4.33 -9.19 2.36
C VAL A 62 -4.85 -7.81 1.95
N GLU A 63 -4.45 -7.35 0.76
CA GLU A 63 -4.84 -6.03 0.31
C GLU A 63 -5.66 -5.99 -0.97
N ALA A 64 -6.05 -7.17 -1.44
CA ALA A 64 -6.80 -7.28 -2.69
C ALA A 64 -8.21 -6.72 -2.79
N THR A 65 -8.47 -6.01 -3.89
CA THR A 65 -9.80 -5.53 -4.17
C THR A 65 -10.32 -6.61 -5.13
N PRO A 66 -11.35 -7.37 -4.72
CA PRO A 66 -11.89 -8.42 -5.57
C PRO A 66 -12.46 -7.89 -6.88
N ILE A 67 -12.42 -8.71 -7.92
CA ILE A 67 -12.96 -8.37 -9.23
C ILE A 67 -14.10 -9.38 -9.43
N VAL A 68 -15.27 -8.91 -9.79
CA VAL A 68 -16.40 -9.81 -10.00
C VAL A 68 -17.04 -9.64 -11.37
N VAL A 69 -17.09 -10.72 -12.14
CA VAL A 69 -17.68 -10.70 -13.48
C VAL A 69 -18.55 -11.92 -13.74
N ASP A 70 -19.83 -11.68 -13.98
CA ASP A 70 -20.77 -12.74 -14.29
C ASP A 70 -20.63 -14.00 -13.43
N GLY A 71 -20.95 -13.86 -12.14
CA GLY A 71 -20.89 -14.99 -11.24
C GLY A 71 -19.54 -15.45 -10.70
N VAL A 72 -18.43 -14.99 -11.29
CA VAL A 72 -17.11 -15.40 -10.80
C VAL A 72 -16.32 -14.26 -10.17
N MET A 73 -15.65 -14.58 -9.06
CA MET A 73 -14.84 -13.61 -8.36
C MET A 73 -13.36 -13.93 -8.56
N TYR A 74 -12.58 -12.90 -8.85
CA TYR A 74 -11.15 -13.09 -9.06
C TYR A 74 -10.44 -12.23 -8.02
N THR A 75 -9.79 -12.88 -7.06
CA THR A 75 -9.09 -12.15 -6.01
C THR A 75 -7.71 -12.75 -5.76
N THR A 76 -6.95 -12.14 -4.86
CA THR A 76 -5.60 -12.62 -4.59
C THR A 76 -5.23 -12.72 -3.11
N GLY A 77 -4.15 -13.44 -2.86
CA GLY A 77 -3.66 -13.62 -1.51
C GLY A 77 -2.17 -13.28 -1.49
N PRO A 78 -1.48 -13.53 -0.37
CA PRO A 78 -0.05 -13.24 -0.28
C PRO A 78 0.76 -13.92 -1.37
N PHE A 79 1.79 -13.23 -1.84
CA PHE A 79 2.66 -13.73 -2.89
C PHE A 79 1.98 -13.87 -4.24
N SER A 80 1.01 -12.99 -4.46
CA SER A 80 0.27 -12.91 -5.71
C SER A 80 -0.47 -14.16 -6.18
N VAL A 81 -0.84 -15.04 -5.27
CA VAL A 81 -1.60 -16.22 -5.67
C VAL A 81 -2.99 -15.74 -6.07
N VAL A 82 -3.44 -16.12 -7.26
CA VAL A 82 -4.75 -15.71 -7.78
C VAL A 82 -5.85 -16.74 -7.59
N TYR A 83 -6.99 -16.31 -7.08
CA TYR A 83 -8.11 -17.23 -6.87
C TYR A 83 -9.33 -16.84 -7.68
N ALA A 84 -10.00 -17.84 -8.23
CA ALA A 84 -11.24 -17.65 -8.98
C ALA A 84 -12.26 -18.44 -8.18
N LEU A 85 -13.27 -17.75 -7.66
CA LEU A 85 -14.28 -18.39 -6.82
C LEU A 85 -15.69 -18.15 -7.35
N ASP A 86 -16.59 -19.09 -7.07
CA ASP A 86 -17.97 -18.96 -7.47
C ASP A 86 -18.48 -17.86 -6.54
N ALA A 87 -18.91 -16.73 -7.12
CA ALA A 87 -19.37 -15.60 -6.31
C ALA A 87 -20.62 -15.83 -5.47
N ARG A 88 -21.29 -16.95 -5.72
CA ARG A 88 -22.51 -17.26 -4.98
C ARG A 88 -22.29 -18.00 -3.66
N ASP A 89 -21.37 -18.96 -3.66
CA ASP A 89 -21.12 -19.74 -2.46
C ASP A 89 -19.66 -19.90 -2.03
N GLY A 90 -18.75 -19.28 -2.78
CA GLY A 90 -17.33 -19.35 -2.44
C GLY A 90 -16.60 -20.62 -2.88
N ARG A 91 -17.25 -21.42 -3.73
CA ARG A 91 -16.62 -22.64 -4.22
C ARG A 91 -15.36 -22.27 -5.00
N LEU A 92 -14.29 -23.03 -4.79
CA LEU A 92 -13.04 -22.77 -5.50
C LEU A 92 -13.11 -23.32 -6.92
N ILE A 93 -12.99 -22.43 -7.90
CA ILE A 93 -13.02 -22.81 -9.30
C ILE A 93 -11.61 -23.22 -9.70
N TRP A 94 -10.67 -22.28 -9.69
CA TRP A 94 -9.27 -22.59 -9.97
C TRP A 94 -8.34 -21.69 -9.16
N LYS A 95 -7.10 -22.16 -9.00
CA LYS A 95 -6.10 -21.42 -8.24
C LYS A 95 -4.81 -21.33 -9.06
N TYR A 96 -4.32 -20.12 -9.28
CA TYR A 96 -3.09 -19.93 -10.03
C TYR A 96 -1.99 -19.33 -9.15
N ASP A 97 -0.97 -20.13 -8.84
CA ASP A 97 0.13 -19.67 -8.03
C ASP A 97 1.30 -19.42 -8.98
N PRO A 98 1.65 -18.14 -9.20
CA PRO A 98 2.76 -17.81 -10.10
C PRO A 98 4.09 -18.26 -9.54
N GLN A 99 4.07 -18.69 -8.28
CA GLN A 99 5.27 -19.12 -7.58
C GLN A 99 6.30 -17.99 -7.60
N SER A 100 5.96 -16.85 -7.01
CA SER A 100 6.87 -15.72 -6.96
C SER A 100 8.20 -16.22 -6.38
N ASP A 101 9.30 -15.89 -7.06
CA ASP A 101 10.63 -16.33 -6.64
C ASP A 101 10.93 -15.91 -5.22
N ARG A 102 10.89 -16.87 -4.31
CA ARG A 102 11.13 -16.59 -2.90
C ARG A 102 12.53 -16.06 -2.60
N HIS A 103 13.49 -16.38 -3.45
CA HIS A 103 14.86 -15.90 -3.27
C HIS A 103 14.86 -14.37 -3.27
N ARG A 104 13.84 -13.79 -3.88
CA ARG A 104 13.72 -12.33 -3.97
C ARG A 104 12.60 -11.79 -3.06
N ALA A 105 12.17 -12.59 -2.10
CA ALA A 105 11.10 -12.17 -1.21
C ALA A 105 11.49 -10.96 -0.36
N GLY A 106 12.77 -10.86 -0.03
CA GLY A 106 13.23 -9.74 0.78
C GLY A 106 13.35 -8.44 0.00
N GLU A 107 13.01 -8.48 -1.28
CA GLU A 107 13.09 -7.27 -2.09
C GLU A 107 11.79 -6.48 -1.94
N ALA A 108 10.86 -7.05 -1.20
CA ALA A 108 9.58 -6.41 -0.94
C ALA A 108 9.70 -5.67 0.39
N CYS A 109 9.51 -4.36 0.34
CA CYS A 109 9.62 -3.51 1.52
C CYS A 109 8.55 -3.72 2.55
N CYS A 110 7.36 -3.92 2.04
CA CYS A 110 6.23 -3.93 2.89
C CYS A 110 5.30 -5.13 2.91
N ASP A 111 5.87 -6.31 3.13
CA ASP A 111 5.13 -7.57 3.19
C ASP A 111 4.78 -8.05 1.76
N ALA A 112 4.61 -9.36 1.61
CA ALA A 112 4.31 -9.98 0.31
C ALA A 112 2.87 -9.77 -0.15
N VAL A 113 2.48 -8.51 -0.29
CA VAL A 113 1.10 -8.20 -0.66
C VAL A 113 0.81 -8.07 -2.15
N ASN A 114 -0.48 -8.03 -2.47
CA ASN A 114 -0.97 -7.87 -3.83
C ASN A 114 -2.35 -7.23 -3.73
N ARG A 115 -2.57 -6.14 -4.45
CA ARG A 115 -3.85 -5.43 -4.36
C ARG A 115 -4.96 -5.85 -5.33
N GLY A 116 -4.76 -6.98 -6.01
CA GLY A 116 -5.79 -7.45 -6.91
C GLY A 116 -5.40 -7.63 -8.36
N VAL A 117 -6.34 -8.12 -9.16
CA VAL A 117 -6.11 -8.34 -10.58
C VAL A 117 -6.99 -7.45 -11.43
N ALA A 118 -6.81 -7.58 -12.74
CA ALA A 118 -7.58 -6.83 -13.72
C ALA A 118 -8.05 -7.88 -14.73
N VAL A 119 -9.09 -7.56 -15.49
CA VAL A 119 -9.59 -8.51 -16.47
C VAL A 119 -9.75 -7.85 -17.83
N TRP A 120 -9.75 -8.68 -18.88
CA TRP A 120 -9.88 -8.18 -20.24
C TRP A 120 -9.98 -9.32 -21.24
N LYS A 121 -11.01 -9.26 -22.08
CA LYS A 121 -11.22 -10.27 -23.11
C LYS A 121 -10.85 -11.68 -22.66
N GLY A 122 -11.54 -12.17 -21.63
CA GLY A 122 -11.30 -13.52 -21.13
C GLY A 122 -9.97 -13.85 -20.46
N LYS A 123 -9.26 -12.82 -19.99
CA LYS A 123 -7.99 -13.05 -19.31
C LYS A 123 -7.90 -12.28 -17.99
N VAL A 124 -7.18 -12.86 -17.04
CA VAL A 124 -6.96 -12.27 -15.73
C VAL A 124 -5.49 -11.87 -15.66
N TYR A 125 -5.24 -10.62 -15.27
CA TYR A 125 -3.88 -10.09 -15.21
C TYR A 125 -3.46 -9.85 -13.78
N VAL A 126 -2.27 -10.34 -13.42
CA VAL A 126 -1.76 -10.19 -12.08
C VAL A 126 -0.30 -9.75 -12.06
N GLY A 127 0.01 -8.84 -11.15
CA GLY A 127 1.37 -8.37 -11.01
C GLY A 127 1.96 -9.25 -9.92
N VAL A 128 2.98 -10.01 -10.28
CA VAL A 128 3.63 -10.91 -9.32
C VAL A 128 4.68 -10.18 -8.49
N LEU A 129 4.79 -10.55 -7.21
CA LEU A 129 5.75 -9.91 -6.33
C LEU A 129 7.14 -9.81 -6.96
N ASP A 130 7.67 -10.91 -7.48
CA ASP A 130 9.00 -10.87 -8.08
C ASP A 130 9.18 -10.01 -9.33
N GLY A 131 8.15 -9.24 -9.67
CA GLY A 131 8.26 -8.36 -10.81
C GLY A 131 7.67 -8.78 -12.14
N ARG A 132 7.04 -9.95 -12.20
CA ARG A 132 6.45 -10.40 -13.46
C ARG A 132 5.02 -9.92 -13.61
N LEU A 133 4.60 -9.71 -14.86
CA LEU A 133 3.23 -9.33 -15.16
C LEU A 133 2.73 -10.53 -15.95
N GLU A 134 1.66 -11.17 -15.51
CA GLU A 134 1.17 -12.35 -16.21
C GLU A 134 -0.31 -12.34 -16.55
N ALA A 135 -0.63 -12.96 -17.67
CA ALA A 135 -2.01 -13.10 -18.14
C ALA A 135 -2.43 -14.52 -17.82
N ILE A 136 -3.68 -14.71 -17.42
CA ILE A 136 -4.19 -16.02 -17.06
C ILE A 136 -5.53 -16.28 -17.77
N ASP A 137 -5.67 -17.47 -18.35
CA ASP A 137 -6.91 -17.84 -19.02
C ASP A 137 -7.98 -17.88 -17.93
N ALA A 138 -9.03 -17.08 -18.09
CA ALA A 138 -10.11 -17.00 -17.12
C ALA A 138 -10.86 -18.33 -16.92
N LYS A 139 -10.93 -19.12 -17.98
CA LYS A 139 -11.63 -20.40 -17.95
C LYS A 139 -10.76 -21.56 -17.42
N THR A 140 -9.56 -21.71 -17.97
CA THR A 140 -8.67 -22.81 -17.57
C THR A 140 -7.83 -22.62 -16.32
N GLY A 141 -7.53 -21.37 -15.98
CA GLY A 141 -6.71 -21.12 -14.81
C GLY A 141 -5.25 -21.31 -15.18
N GLN A 142 -4.99 -21.54 -16.46
CA GLN A 142 -3.63 -21.74 -16.95
C GLN A 142 -3.03 -20.43 -17.45
N ARG A 143 -1.71 -20.30 -17.31
CA ARG A 143 -1.00 -19.11 -17.76
C ARG A 143 -1.08 -18.93 -19.28
N ALA A 144 -1.32 -17.69 -19.71
CA ALA A 144 -1.41 -17.35 -21.13
C ALA A 144 -0.05 -16.81 -21.57
N TRP A 145 0.44 -15.80 -20.84
CA TRP A 145 1.75 -15.25 -21.12
C TRP A 145 2.36 -14.65 -19.86
N SER A 146 3.66 -14.36 -19.93
CA SER A 146 4.36 -13.81 -18.78
C SER A 146 5.56 -12.98 -19.23
N VAL A 147 5.69 -11.80 -18.65
CA VAL A 147 6.81 -10.94 -18.98
C VAL A 147 7.46 -10.43 -17.69
N ASP A 148 8.78 -10.30 -17.72
CA ASP A 148 9.53 -9.78 -16.58
C ASP A 148 9.62 -8.29 -16.84
N THR A 149 8.87 -7.50 -16.06
CA THR A 149 8.85 -6.05 -16.22
C THR A 149 10.10 -5.33 -15.69
N ARG A 150 10.95 -6.06 -14.98
CA ARG A 150 12.16 -5.45 -14.41
C ARG A 150 13.16 -4.97 -15.45
N ALA A 151 13.43 -3.66 -15.43
CA ALA A 151 14.37 -3.05 -16.37
C ALA A 151 15.83 -3.33 -16.01
N ASP A 152 16.06 -3.77 -14.78
CA ASP A 152 17.42 -4.06 -14.31
C ASP A 152 17.30 -5.11 -13.21
N HIS A 153 17.76 -6.32 -13.51
CA HIS A 153 17.70 -7.42 -12.56
C HIS A 153 18.56 -7.20 -11.31
N LYS A 154 19.42 -6.18 -11.35
CA LYS A 154 20.28 -5.87 -10.22
C LYS A 154 19.56 -4.99 -9.18
N ARG A 155 18.39 -4.50 -9.55
CA ARG A 155 17.61 -3.63 -8.65
C ARG A 155 16.43 -4.37 -8.02
N SER A 156 16.09 -3.99 -6.79
CA SER A 156 15.01 -4.61 -6.05
C SER A 156 13.64 -4.11 -6.51
N TYR A 157 13.22 -4.55 -7.69
CA TYR A 157 11.92 -4.19 -8.26
C TYR A 157 10.90 -5.26 -7.91
N THR A 158 9.70 -4.84 -7.56
CA THR A 158 8.62 -5.77 -7.22
C THR A 158 7.31 -5.16 -7.69
N ILE A 159 6.24 -5.95 -7.71
CA ILE A 159 4.93 -5.45 -8.09
C ILE A 159 3.95 -5.87 -7.01
N THR A 160 3.22 -4.90 -6.46
CA THR A 160 2.25 -5.15 -5.40
C THR A 160 0.84 -4.65 -5.75
N GLY A 161 0.75 -3.65 -6.62
CA GLY A 161 -0.54 -3.10 -6.98
C GLY A 161 -1.33 -3.87 -8.03
N ALA A 162 -2.53 -3.39 -8.31
CA ALA A 162 -3.39 -4.01 -9.31
C ALA A 162 -3.20 -3.32 -10.65
N PRO A 163 -3.12 -4.10 -11.73
CA PRO A 163 -2.95 -3.43 -13.01
C PRO A 163 -4.29 -2.89 -13.48
N ARG A 164 -4.27 -1.98 -14.44
CA ARG A 164 -5.50 -1.44 -15.00
C ARG A 164 -5.34 -1.72 -16.49
N VAL A 165 -6.45 -1.95 -17.19
CA VAL A 165 -6.35 -2.20 -18.62
C VAL A 165 -7.03 -1.08 -19.38
N VAL A 166 -6.25 -0.45 -20.26
CA VAL A 166 -6.72 0.68 -21.04
C VAL A 166 -6.43 0.50 -22.53
N ASN A 167 -7.49 0.54 -23.33
CA ASN A 167 -7.36 0.41 -24.79
C ASN A 167 -6.56 -0.82 -25.18
N GLY A 168 -6.87 -1.94 -24.55
CA GLY A 168 -6.17 -3.18 -24.87
C GLY A 168 -4.75 -3.23 -24.34
N LYS A 169 -4.41 -2.29 -23.46
CA LYS A 169 -3.08 -2.25 -22.88
C LYS A 169 -3.14 -2.45 -21.36
N VAL A 170 -2.30 -3.35 -20.86
CA VAL A 170 -2.25 -3.61 -19.42
C VAL A 170 -1.21 -2.68 -18.82
N VAL A 171 -1.66 -1.79 -17.94
CA VAL A 171 -0.79 -0.81 -17.29
C VAL A 171 -0.35 -1.27 -15.90
N ILE A 172 0.96 -1.22 -15.65
CA ILE A 172 1.48 -1.61 -14.34
C ILE A 172 2.79 -0.91 -14.03
N GLY A 173 3.01 -0.65 -12.75
CA GLY A 173 4.24 -0.02 -12.32
C GLY A 173 5.01 -1.02 -11.48
N ASN A 174 5.63 -0.56 -10.40
CA ASN A 174 6.40 -1.45 -9.53
C ASN A 174 6.78 -0.73 -8.25
N GLY A 175 7.29 -1.49 -7.28
CA GLY A 175 7.70 -0.90 -6.02
C GLY A 175 9.19 -1.10 -5.83
N GLY A 176 9.79 -0.38 -4.88
CA GLY A 176 11.20 -0.54 -4.63
C GLY A 176 11.97 0.71 -4.28
N ALA A 177 11.27 1.84 -4.12
CA ALA A 177 11.95 3.09 -3.78
C ALA A 177 12.63 3.04 -2.42
N GLU A 178 12.30 2.04 -1.60
CA GLU A 178 12.92 1.91 -0.28
C GLU A 178 14.28 1.24 -0.37
N PHE A 179 14.52 0.58 -1.50
CA PHE A 179 15.79 -0.10 -1.73
C PHE A 179 16.65 0.71 -2.70
N GLY A 180 16.01 1.55 -3.50
CA GLY A 180 16.74 2.37 -4.44
C GLY A 180 16.58 1.90 -5.88
N VAL A 181 15.58 2.44 -6.58
CA VAL A 181 15.36 2.08 -7.98
C VAL A 181 14.81 3.29 -8.72
N ARG A 182 14.88 3.24 -10.05
CA ARG A 182 14.37 4.31 -10.89
C ARG A 182 12.95 3.89 -11.26
N GLY A 183 11.98 4.71 -10.88
CA GLY A 183 10.59 4.41 -11.16
C GLY A 183 10.16 4.53 -12.61
N TYR A 184 9.14 3.77 -12.97
CA TYR A 184 8.62 3.79 -14.34
C TYR A 184 7.29 3.04 -14.43
N VAL A 185 6.55 3.31 -15.49
CA VAL A 185 5.26 2.68 -15.74
C VAL A 185 5.30 2.08 -17.13
N THR A 186 4.91 0.81 -17.25
CA THR A 186 4.93 0.16 -18.55
C THR A 186 3.54 -0.28 -18.97
N ALA A 187 3.30 -0.28 -20.27
CA ALA A 187 2.02 -0.70 -20.82
C ALA A 187 2.31 -1.88 -21.73
N TYR A 188 1.63 -3.00 -21.48
CA TYR A 188 1.84 -4.19 -22.30
C TYR A 188 0.56 -4.56 -23.04
N ASP A 189 0.69 -5.18 -24.20
CA ASP A 189 -0.47 -5.58 -24.99
C ASP A 189 -1.23 -6.66 -24.24
N ALA A 190 -2.54 -6.47 -24.09
CA ALA A 190 -3.36 -7.44 -23.38
C ALA A 190 -3.30 -8.84 -23.99
N GLU A 191 -3.09 -8.92 -25.30
CA GLU A 191 -3.05 -10.21 -25.98
C GLU A 191 -1.71 -10.95 -25.98
N THR A 192 -0.64 -10.27 -26.38
CA THR A 192 0.68 -10.91 -26.46
C THR A 192 1.65 -10.52 -25.34
N GLY A 193 1.30 -9.51 -24.56
CA GLY A 193 2.19 -9.08 -23.51
C GLY A 193 3.37 -8.37 -24.12
N LYS A 194 3.21 -7.91 -25.35
CA LYS A 194 4.27 -7.19 -26.05
C LYS A 194 4.32 -5.76 -25.50
N GLU A 195 5.49 -5.31 -25.08
CA GLU A 195 5.60 -3.95 -24.53
C GLU A 195 5.15 -2.88 -25.52
N ALA A 196 4.14 -2.12 -25.14
CA ALA A 196 3.62 -1.04 -25.98
C ALA A 196 4.45 0.23 -25.77
N TRP A 197 4.62 0.63 -24.52
CA TRP A 197 5.41 1.81 -24.18
C TRP A 197 5.83 1.78 -22.72
N ARG A 198 6.78 2.65 -22.36
CA ARG A 198 7.27 2.75 -21.00
C ARG A 198 7.59 4.20 -20.67
N PHE A 199 7.01 4.69 -19.58
CA PHE A 199 7.20 6.06 -19.12
C PHE A 199 7.99 6.08 -17.82
N TYR A 200 9.23 6.56 -17.85
CA TYR A 200 10.03 6.67 -16.64
C TYR A 200 9.57 7.90 -15.87
N THR A 201 9.56 7.81 -14.54
CA THR A 201 9.08 8.91 -13.72
C THR A 201 10.14 9.89 -13.20
N VAL A 202 11.41 9.55 -13.37
CA VAL A 202 12.52 10.41 -12.94
C VAL A 202 13.67 10.23 -13.91
N PRO A 203 14.50 11.27 -14.08
CA PRO A 203 15.62 11.14 -15.00
C PRO A 203 16.63 10.04 -14.67
N GLY A 204 17.40 9.68 -15.69
CA GLY A 204 18.44 8.68 -15.54
C GLY A 204 19.77 9.42 -15.64
N ASP A 205 20.76 8.78 -16.26
CA ASP A 205 22.08 9.40 -16.42
C ASP A 205 21.94 10.78 -17.07
N PRO A 206 22.24 11.85 -16.33
CA PRO A 206 22.14 13.22 -16.82
C PRO A 206 23.08 13.54 -17.98
N LYS A 207 24.05 12.66 -18.22
CA LYS A 207 24.99 12.86 -19.31
C LYS A 207 24.28 12.65 -20.63
N LEU A 208 23.41 11.64 -20.67
CA LEU A 208 22.66 11.30 -21.86
C LEU A 208 21.49 12.25 -22.07
N PRO A 209 21.16 12.56 -23.33
CA PRO A 209 20.05 13.47 -23.63
C PRO A 209 18.72 12.91 -23.14
N PRO A 210 17.89 13.79 -22.55
CA PRO A 210 16.58 13.37 -22.04
C PRO A 210 15.71 12.76 -23.14
N GLU A 211 15.00 11.69 -22.81
CA GLU A 211 14.14 11.04 -23.78
C GLU A 211 12.66 11.28 -23.52
N GLY A 212 12.05 12.12 -24.34
CA GLY A 212 10.65 12.44 -24.19
C GLY A 212 10.45 13.77 -23.50
N LYS A 213 9.32 14.41 -23.79
CA LYS A 213 9.00 15.71 -23.20
C LYS A 213 9.01 15.62 -21.69
N GLY A 214 8.47 14.52 -21.17
CA GLY A 214 8.42 14.34 -19.72
C GLY A 214 9.78 14.49 -19.08
N MET A 215 10.77 13.82 -19.65
CA MET A 215 12.11 13.87 -19.11
C MET A 215 12.85 15.17 -19.40
N GLU A 216 12.52 15.83 -20.51
CA GLU A 216 13.18 17.09 -20.82
C GLU A 216 12.82 18.06 -19.71
N ILE A 217 11.57 18.00 -19.27
CA ILE A 217 11.08 18.85 -18.21
C ILE A 217 11.64 18.45 -16.84
N ALA A 218 11.65 17.15 -16.55
CA ALA A 218 12.15 16.65 -15.28
C ALA A 218 13.64 16.85 -15.06
N ALA A 219 14.44 16.55 -16.09
CA ALA A 219 15.90 16.67 -16.01
C ALA A 219 16.40 17.98 -15.42
N LYS A 220 15.68 19.07 -15.67
CA LYS A 220 16.06 20.38 -15.18
C LYS A 220 15.96 20.49 -13.66
N THR A 221 15.07 19.70 -13.06
CA THR A 221 14.83 19.76 -11.63
C THR A 221 15.72 18.90 -10.72
N TRP A 222 16.77 18.30 -11.28
CA TRP A 222 17.69 17.48 -10.50
C TRP A 222 19.12 18.00 -10.64
N PHE A 223 19.86 17.97 -9.53
CA PHE A 223 21.25 18.44 -9.55
C PHE A 223 22.22 17.34 -9.17
N GLY A 224 23.38 17.35 -9.80
CA GLY A 224 24.37 16.33 -9.53
C GLY A 224 23.94 15.05 -10.23
N ASP A 225 24.67 13.96 -10.02
CA ASP A 225 24.30 12.70 -10.65
C ASP A 225 24.41 11.53 -9.68
N ALA A 226 24.45 11.85 -8.40
CA ALA A 226 24.55 10.84 -7.37
C ALA A 226 23.24 10.04 -7.25
N TYR A 227 22.15 10.61 -7.74
CA TYR A 227 20.84 9.95 -7.68
C TYR A 227 20.76 8.80 -8.68
N VAL A 228 21.65 8.80 -9.66
CA VAL A 228 21.65 7.74 -10.65
C VAL A 228 21.95 6.40 -9.99
N GLU A 229 22.94 6.38 -9.10
CA GLU A 229 23.29 5.13 -8.42
C GLU A 229 22.26 4.82 -7.33
N GLN A 230 21.69 5.86 -6.75
CA GLN A 230 20.68 5.69 -5.70
C GLN A 230 19.40 5.14 -6.34
N GLY A 231 19.08 5.65 -7.52
CA GLY A 231 17.89 5.21 -8.23
C GLY A 231 16.97 6.35 -8.61
N GLY A 232 16.78 7.29 -7.69
CA GLY A 232 15.91 8.42 -7.95
C GLY A 232 14.56 8.27 -7.26
N GLY A 233 14.02 7.06 -7.30
CA GLY A 233 12.72 6.80 -6.69
C GLY A 233 11.59 7.00 -7.68
N GLY A 234 10.46 7.54 -7.19
CA GLY A 234 9.31 7.80 -8.04
C GLY A 234 8.57 6.58 -8.57
N THR A 235 8.61 5.48 -7.82
CA THR A 235 7.91 4.29 -8.25
C THR A 235 6.41 4.55 -8.21
N ALA A 236 5.69 3.95 -9.16
CA ALA A 236 4.23 4.06 -9.26
C ALA A 236 3.76 2.64 -8.90
N TRP A 237 3.77 2.35 -7.62
CA TRP A 237 3.41 1.02 -7.13
C TRP A 237 1.96 0.82 -6.70
N ASP A 238 1.06 1.71 -7.09
CA ASP A 238 -0.31 1.53 -6.64
C ASP A 238 -1.42 2.01 -7.56
N SER A 239 -1.95 3.20 -7.28
CA SER A 239 -3.05 3.75 -8.03
C SER A 239 -2.80 4.29 -9.43
N PHE A 240 -3.84 4.17 -10.25
CA PHE A 240 -3.86 4.63 -11.63
C PHE A 240 -5.34 4.97 -11.86
N ALA A 241 -5.59 5.93 -12.74
CA ALA A 241 -6.96 6.34 -13.08
C ALA A 241 -6.97 6.60 -14.58
N TYR A 242 -8.15 6.63 -15.19
CA TYR A 242 -8.22 6.82 -16.64
C TYR A 242 -9.47 7.53 -17.11
N ASP A 243 -9.29 8.50 -18.00
CA ASP A 243 -10.42 9.24 -18.57
C ASP A 243 -10.50 8.96 -20.07
N PRO A 244 -11.48 8.15 -20.49
CA PRO A 244 -11.68 7.79 -21.90
C PRO A 244 -11.79 8.98 -22.84
N GLU A 245 -12.60 9.96 -22.47
CA GLU A 245 -12.80 11.14 -23.30
C GLU A 245 -11.52 11.91 -23.62
N LEU A 246 -10.62 12.02 -22.65
CA LEU A 246 -9.37 12.73 -22.86
C LEU A 246 -8.24 11.77 -23.18
N ASN A 247 -8.54 10.47 -23.13
CA ASN A 247 -7.57 9.42 -23.40
C ASN A 247 -6.29 9.64 -22.60
N LEU A 248 -6.46 10.06 -21.35
CA LEU A 248 -5.33 10.30 -20.46
C LEU A 248 -5.26 9.28 -19.33
N LEU A 249 -4.08 8.71 -19.15
CA LEU A 249 -3.85 7.77 -18.05
C LEU A 249 -3.24 8.62 -16.95
N TYR A 250 -3.76 8.49 -15.74
CA TYR A 250 -3.25 9.25 -14.60
C TYR A 250 -2.37 8.34 -13.75
N ILE A 251 -1.09 8.72 -13.62
CA ILE A 251 -0.12 7.95 -12.85
C ILE A 251 0.25 8.61 -11.53
N GLY A 252 0.20 7.83 -10.45
CA GLY A 252 0.56 8.33 -9.14
C GLY A 252 2.01 7.97 -8.89
N VAL A 253 2.88 8.98 -8.82
CA VAL A 253 4.31 8.76 -8.61
C VAL A 253 4.72 8.83 -7.14
N GLY A 254 5.56 7.88 -6.72
CA GLY A 254 6.01 7.81 -5.33
C GLY A 254 7.15 8.70 -4.84
N ASN A 255 7.75 8.31 -3.73
CA ASN A 255 8.83 9.07 -3.08
C ASN A 255 10.22 8.98 -3.70
N GLY A 256 11.10 9.87 -3.25
CA GLY A 256 12.46 9.90 -3.74
C GLY A 256 13.38 8.90 -3.07
N SER A 257 14.37 8.43 -3.80
CA SER A 257 15.34 7.47 -3.28
C SER A 257 16.73 7.98 -3.66
N LEU A 258 17.59 8.24 -2.68
CA LEU A 258 17.31 8.11 -1.25
C LEU A 258 16.29 9.15 -0.78
N TRP A 259 15.84 9.03 0.46
CA TRP A 259 14.87 9.97 1.04
C TRP A 259 15.47 11.35 1.24
N ASP A 260 16.69 11.39 1.77
CA ASP A 260 17.35 12.66 2.05
C ASP A 260 17.68 13.42 0.76
N PRO A 261 17.07 14.60 0.59
CA PRO A 261 17.29 15.42 -0.61
C PRO A 261 18.72 15.95 -0.76
N LYS A 262 19.42 16.12 0.36
CA LYS A 262 20.80 16.61 0.29
C LYS A 262 21.70 15.58 -0.39
N TRP A 263 21.55 14.32 0.01
CA TRP A 263 22.34 13.24 -0.57
C TRP A 263 21.81 12.85 -1.94
N ARG A 264 20.50 12.97 -2.13
CA ARG A 264 19.89 12.61 -3.41
C ARG A 264 20.07 13.62 -4.54
N SER A 265 19.87 14.90 -4.26
CA SER A 265 20.00 15.92 -5.30
C SER A 265 20.60 17.23 -4.82
N GLN A 266 21.67 17.13 -4.03
CA GLN A 266 22.36 18.31 -3.51
C GLN A 266 21.42 19.28 -2.81
N ALA A 267 20.29 18.76 -2.32
CA ALA A 267 19.32 19.60 -1.62
C ALA A 267 18.78 20.71 -2.53
N LYS A 268 18.80 20.47 -3.83
CA LYS A 268 18.31 21.44 -4.80
C LYS A 268 17.35 20.77 -5.76
N GLY A 269 16.50 21.56 -6.40
CA GLY A 269 15.55 21.03 -7.37
C GLY A 269 14.28 20.42 -6.81
N ASP A 270 13.23 20.43 -7.62
CA ASP A 270 11.94 19.86 -7.24
C ASP A 270 11.96 18.34 -7.42
N ASN A 271 12.89 17.86 -8.24
CA ASN A 271 13.06 16.43 -8.49
C ASN A 271 11.80 15.78 -9.08
N LEU A 272 11.35 16.28 -10.23
CA LEU A 272 10.17 15.73 -10.89
C LEU A 272 10.47 14.33 -11.41
N PHE A 273 9.49 13.43 -11.40
CA PHE A 273 8.11 13.72 -10.97
C PHE A 273 7.80 13.14 -9.58
N LEU A 274 8.79 13.13 -8.70
CA LEU A 274 8.59 12.61 -7.36
C LEU A 274 7.33 13.17 -6.71
N SER A 275 6.64 12.33 -5.94
CA SER A 275 5.44 12.73 -5.21
C SER A 275 4.50 13.58 -6.08
N SER A 276 4.30 13.16 -7.33
CA SER A 276 3.45 13.90 -8.26
C SER A 276 2.35 13.05 -8.91
N ILE A 277 1.36 13.77 -9.45
CA ILE A 277 0.25 13.16 -10.18
C ILE A 277 0.61 13.46 -11.64
N VAL A 278 0.80 12.42 -12.44
CA VAL A 278 1.19 12.64 -13.83
C VAL A 278 0.20 12.06 -14.83
N ALA A 279 -0.19 12.88 -15.80
CA ALA A 279 -1.11 12.47 -16.85
C ALA A 279 -0.34 12.26 -18.15
N VAL A 280 -0.58 11.14 -18.82
CA VAL A 280 0.06 10.85 -20.09
C VAL A 280 -0.95 10.22 -21.05
N ASN A 281 -0.65 10.28 -22.35
CA ASN A 281 -1.52 9.68 -23.35
C ASN A 281 -1.55 8.18 -23.11
N ALA A 282 -2.75 7.65 -22.89
CA ALA A 282 -2.91 6.23 -22.63
C ALA A 282 -2.29 5.33 -23.69
N ASP A 283 -2.30 5.78 -24.95
CA ASP A 283 -1.77 4.97 -26.05
C ASP A 283 -0.27 5.11 -26.34
N THR A 284 0.29 6.29 -26.11
CA THR A 284 1.71 6.50 -26.38
C THR A 284 2.54 6.57 -25.10
N GLY A 285 1.92 7.05 -24.03
CA GLY A 285 2.61 7.16 -22.76
C GLY A 285 3.34 8.48 -22.62
N GLU A 286 3.23 9.34 -23.62
CA GLU A 286 3.91 10.63 -23.59
C GLU A 286 3.27 11.62 -22.61
N TYR A 287 4.13 12.41 -21.97
CA TYR A 287 3.70 13.40 -20.99
C TYR A 287 2.70 14.43 -21.51
N VAL A 288 1.75 14.78 -20.66
CA VAL A 288 0.74 15.79 -20.99
C VAL A 288 0.75 16.87 -19.91
N TRP A 289 0.50 16.47 -18.66
CA TRP A 289 0.55 17.42 -17.55
C TRP A 289 0.87 16.72 -16.25
N HIS A 290 1.18 17.51 -15.22
CA HIS A 290 1.50 16.95 -13.93
C HIS A 290 1.28 17.98 -12.83
N TYR A 291 1.16 17.48 -11.61
CA TYR A 291 1.04 18.32 -10.44
C TYR A 291 1.86 17.65 -9.34
N GLN A 292 2.85 18.36 -8.82
CA GLN A 292 3.69 17.80 -7.77
C GLN A 292 3.17 18.20 -6.40
N THR A 293 2.75 17.20 -5.61
CA THR A 293 2.20 17.44 -4.28
C THR A 293 3.30 17.80 -3.29
N THR A 294 4.49 17.22 -3.47
CA THR A 294 5.60 17.48 -2.55
C THR A 294 6.94 17.73 -3.26
N PRO A 295 7.19 18.97 -3.69
CA PRO A 295 8.45 19.29 -4.38
C PRO A 295 9.63 18.92 -3.49
N GLY A 296 10.65 18.30 -4.07
CA GLY A 296 11.82 17.92 -3.29
C GLY A 296 11.52 16.96 -2.14
N ASP A 297 10.55 16.08 -2.34
CA ASP A 297 10.16 15.10 -1.32
C ASP A 297 11.33 14.63 -0.48
N ALA A 298 11.18 14.76 0.84
CA ALA A 298 12.22 14.37 1.78
C ALA A 298 11.68 13.54 2.94
N TRP A 299 10.37 13.26 2.93
CA TRP A 299 9.76 12.52 4.04
C TRP A 299 9.02 11.25 3.63
N ASP A 300 9.38 10.67 2.49
CA ASP A 300 8.75 9.46 1.99
C ASP A 300 7.31 9.76 1.62
N TYR A 301 7.05 10.97 1.16
CA TYR A 301 5.70 11.39 0.77
C TYR A 301 5.39 10.99 -0.66
N THR A 302 4.78 9.83 -0.82
CA THR A 302 4.39 9.33 -2.13
C THR A 302 3.12 10.04 -2.59
N ALA A 303 2.79 9.86 -3.87
CA ALA A 303 1.57 10.39 -4.45
C ALA A 303 1.01 9.26 -5.33
N THR A 304 1.16 8.05 -4.82
CA THR A 304 0.68 6.84 -5.49
C THR A 304 -0.71 6.51 -4.98
N GLN A 305 -1.17 7.31 -4.02
CA GLN A 305 -2.46 7.12 -3.40
C GLN A 305 -3.63 7.28 -4.37
N HIS A 306 -4.72 6.60 -4.03
CA HIS A 306 -5.96 6.58 -4.81
C HIS A 306 -6.37 7.92 -5.40
N MET A 307 -6.63 7.92 -6.70
CA MET A 307 -7.06 9.13 -7.41
C MET A 307 -8.48 8.88 -7.95
N ILE A 308 -9.39 9.80 -7.67
CA ILE A 308 -10.78 9.66 -8.11
C ILE A 308 -11.16 10.74 -9.11
N LEU A 309 -11.71 10.32 -10.25
CA LEU A 309 -12.16 11.26 -11.28
C LEU A 309 -13.64 11.51 -11.07
N ALA A 310 -14.03 12.77 -11.02
CA ALA A 310 -15.43 13.14 -10.82
C ALA A 310 -15.71 14.53 -11.37
N GLU A 311 -16.97 14.97 -11.25
CA GLU A 311 -17.38 16.29 -11.71
C GLU A 311 -17.97 17.02 -10.50
N LEU A 312 -17.49 18.23 -10.25
CA LEU A 312 -17.97 19.00 -9.10
C LEU A 312 -18.26 20.46 -9.42
N PRO A 313 -19.09 21.10 -8.59
CA PRO A 313 -19.43 22.51 -8.78
C PRO A 313 -18.34 23.34 -8.11
N ILE A 314 -17.53 24.01 -8.93
CA ILE A 314 -16.44 24.85 -8.43
C ILE A 314 -16.63 26.26 -8.98
N ASP A 315 -16.84 27.22 -8.08
CA ASP A 315 -17.03 28.61 -8.48
C ASP A 315 -18.26 28.81 -9.35
N GLY A 316 -19.29 27.98 -9.14
CA GLY A 316 -20.50 28.11 -9.92
C GLY A 316 -20.47 27.44 -11.29
N LYS A 317 -19.35 26.77 -11.60
CA LYS A 317 -19.21 26.09 -12.87
C LYS A 317 -18.81 24.62 -12.69
N PRO A 318 -19.40 23.71 -13.48
CA PRO A 318 -19.09 22.27 -13.40
C PRO A 318 -17.66 22.04 -13.87
N ARG A 319 -16.86 21.37 -13.05
CA ARG A 319 -15.48 21.09 -13.42
C ARG A 319 -15.19 19.59 -13.36
N LYS A 320 -14.57 19.07 -14.42
CA LYS A 320 -14.20 17.66 -14.47
C LYS A 320 -12.85 17.61 -13.74
N VAL A 321 -12.85 17.06 -12.53
CA VAL A 321 -11.63 17.02 -11.73
C VAL A 321 -11.02 15.66 -11.44
N LEU A 322 -9.91 15.71 -10.71
CA LEU A 322 -9.20 14.53 -10.24
C LEU A 322 -8.96 14.87 -8.78
N MET A 323 -9.28 13.93 -7.90
CA MET A 323 -9.10 14.15 -6.47
C MET A 323 -8.13 13.14 -5.87
N GLN A 324 -7.38 13.59 -4.86
CA GLN A 324 -6.42 12.71 -4.20
C GLN A 324 -6.01 13.24 -2.84
N ALA A 325 -5.77 12.30 -1.94
CA ALA A 325 -5.32 12.63 -0.59
C ALA A 325 -4.03 11.83 -0.39
N PRO A 326 -2.91 12.30 -0.99
CA PRO A 326 -1.63 11.61 -0.86
C PRO A 326 -1.09 11.64 0.58
N LYS A 327 0.08 11.07 0.79
CA LYS A 327 0.67 11.01 2.12
C LYS A 327 0.91 12.33 2.83
N ASN A 328 1.30 13.37 2.08
CA ASN A 328 1.61 14.64 2.71
C ASN A 328 0.49 15.32 3.49
N GLY A 329 -0.74 14.79 3.42
CA GLY A 329 -1.82 15.39 4.18
C GLY A 329 -2.74 16.42 3.56
N PHE A 330 -2.54 16.74 2.28
CA PHE A 330 -3.41 17.69 1.61
C PHE A 330 -4.45 16.91 0.81
N PHE A 331 -5.63 17.50 0.62
CA PHE A 331 -6.64 16.86 -0.21
C PHE A 331 -6.66 17.77 -1.42
N TYR A 332 -6.41 17.19 -2.59
CA TYR A 332 -6.36 17.97 -3.82
C TYR A 332 -7.52 17.81 -4.76
N VAL A 333 -7.97 18.93 -5.31
CA VAL A 333 -9.03 18.95 -6.30
C VAL A 333 -8.33 19.57 -7.51
N ILE A 334 -8.18 18.79 -8.57
CA ILE A 334 -7.46 19.24 -9.76
C ILE A 334 -8.23 19.05 -11.07
N ASP A 335 -8.04 19.96 -12.01
CA ASP A 335 -8.67 19.86 -13.31
C ASP A 335 -7.94 18.72 -14.02
N ARG A 336 -8.63 17.60 -14.25
CA ARG A 336 -7.99 16.44 -14.87
C ARG A 336 -7.64 16.57 -16.35
N ALA A 337 -7.88 17.76 -16.90
CA ALA A 337 -7.58 18.03 -18.31
C ALA A 337 -6.34 18.89 -18.49
N THR A 338 -6.13 19.83 -17.58
CA THR A 338 -4.99 20.76 -17.65
C THR A 338 -4.00 20.67 -16.50
N GLY A 339 -4.37 19.97 -15.43
CA GLY A 339 -3.48 19.86 -14.29
C GLY A 339 -3.59 21.06 -13.37
N GLU A 340 -4.54 21.95 -13.65
CA GLU A 340 -4.74 23.13 -12.83
C GLU A 340 -5.17 22.77 -11.41
N LEU A 341 -4.49 23.32 -10.42
CA LEU A 341 -4.85 23.05 -9.04
C LEU A 341 -6.06 23.91 -8.70
N LEU A 342 -7.19 23.27 -8.45
CA LEU A 342 -8.38 24.02 -8.11
C LEU A 342 -8.45 24.33 -6.63
N SER A 343 -8.02 23.40 -5.78
CA SER A 343 -8.03 23.62 -4.34
C SER A 343 -7.14 22.60 -3.61
N ALA A 344 -6.71 22.99 -2.40
CA ALA A 344 -5.87 22.12 -1.58
C ALA A 344 -6.06 22.45 -0.10
N LYS A 345 -6.41 21.44 0.68
CA LYS A 345 -6.63 21.63 2.11
C LYS A 345 -6.13 20.47 2.94
N GLY A 346 -5.57 20.78 4.11
CA GLY A 346 -5.05 19.74 4.98
C GLY A 346 -6.22 19.02 5.64
N ILE A 347 -6.16 17.71 5.69
CA ILE A 347 -7.21 16.91 6.30
C ILE A 347 -6.70 16.46 7.67
N VAL A 348 -5.46 16.82 7.96
CA VAL A 348 -4.80 16.44 9.19
C VAL A 348 -3.68 17.44 9.48
N PRO A 349 -3.20 17.51 10.73
CA PRO A 349 -2.11 18.44 11.05
C PRO A 349 -0.87 18.12 10.22
N GLN A 350 -0.17 19.16 9.77
CA GLN A 350 1.04 18.97 8.99
C GLN A 350 2.14 19.85 9.54
N SER A 351 3.22 19.22 10.00
CA SER A 351 4.31 19.96 10.57
C SER A 351 5.33 20.38 9.51
N TRP A 352 5.35 19.68 8.37
CA TRP A 352 6.30 19.97 7.30
C TRP A 352 5.99 21.22 6.47
N THR A 353 4.75 21.67 6.49
CA THR A 353 4.38 22.84 5.70
C THR A 353 3.63 23.91 6.50
N LYS A 354 3.79 25.16 6.08
CA LYS A 354 3.14 26.28 6.73
C LYS A 354 1.85 26.58 5.97
N GLY A 355 1.50 25.68 5.05
CA GLY A 355 0.30 25.87 4.27
C GLY A 355 0.57 26.00 2.78
N MET A 356 -0.51 25.96 2.00
CA MET A 356 -0.43 26.08 0.55
C MET A 356 -0.42 27.55 0.10
N ASP A 357 0.30 27.80 -0.98
CA ASP A 357 0.35 29.13 -1.57
C ASP A 357 -0.53 28.96 -2.81
N MET A 358 -1.78 29.40 -2.72
CA MET A 358 -2.69 29.25 -3.86
C MET A 358 -2.32 30.05 -5.09
N LYS A 359 -1.42 31.01 -4.95
CA LYS A 359 -0.99 31.80 -6.11
C LYS A 359 -0.13 30.97 -7.06
N THR A 360 0.69 30.09 -6.50
CA THR A 360 1.58 29.25 -7.29
C THR A 360 1.16 27.78 -7.29
N GLY A 361 0.43 27.36 -6.25
CA GLY A 361 0.01 25.97 -6.16
C GLY A 361 1.10 25.11 -5.54
N ARG A 362 2.00 25.77 -4.83
CA ARG A 362 3.13 25.10 -4.19
C ARG A 362 3.06 25.29 -2.67
N PRO A 363 3.32 24.22 -1.90
CA PRO A 363 3.28 24.32 -0.44
C PRO A 363 4.52 24.99 0.15
N ILE A 364 4.32 25.82 1.16
CA ILE A 364 5.43 26.51 1.82
C ILE A 364 6.10 25.59 2.84
N LEU A 365 7.41 25.46 2.75
CA LEU A 365 8.19 24.59 3.63
C LEU A 365 8.39 25.16 5.03
N ASP A 366 8.25 24.30 6.03
CA ASP A 366 8.47 24.70 7.42
C ASP A 366 9.83 24.09 7.76
N GLU A 367 10.88 24.83 7.42
CA GLU A 367 12.24 24.36 7.64
C GLU A 367 12.54 23.97 9.08
N GLU A 368 12.23 24.85 10.01
CA GLU A 368 12.52 24.58 11.41
C GLU A 368 11.99 23.23 11.89
N ASN A 369 10.84 22.81 11.40
CA ASN A 369 10.30 21.54 11.84
C ASN A 369 10.52 20.32 10.95
N ALA A 370 10.78 20.53 9.66
CA ALA A 370 10.94 19.37 8.78
C ALA A 370 12.21 19.27 7.94
N ALA A 371 12.93 20.37 7.77
CA ALA A 371 14.15 20.36 6.96
C ALA A 371 15.33 19.75 7.71
N TYR A 372 15.13 18.55 8.25
CA TYR A 372 16.15 17.83 9.00
C TYR A 372 17.53 17.78 8.34
N TRP A 373 17.58 18.01 7.04
CA TRP A 373 18.86 17.97 6.33
C TRP A 373 19.61 19.30 6.45
N LYS A 374 18.89 20.37 6.80
CA LYS A 374 19.49 21.71 6.96
C LYS A 374 19.64 22.04 8.44
N ASN A 375 18.57 21.88 9.20
CA ASN A 375 18.63 22.17 10.63
C ASN A 375 19.55 21.15 11.27
N GLY A 376 19.64 21.15 12.60
CA GLY A 376 20.52 20.19 13.21
C GLY A 376 19.78 19.13 14.00
N LYS A 377 18.48 19.31 14.14
CA LYS A 377 17.66 18.40 14.93
C LYS A 377 17.09 17.13 14.32
N ARG A 378 16.57 16.30 15.21
CA ARG A 378 15.89 15.10 14.80
C ARG A 378 14.47 15.60 15.02
N ASN A 379 13.82 15.89 13.89
CA ASN A 379 12.47 16.41 13.83
C ASN A 379 11.42 15.32 14.00
N LEU A 380 10.39 15.59 14.79
CA LEU A 380 9.32 14.63 14.89
C LEU A 380 8.34 15.22 13.88
N VAL A 381 8.14 14.49 12.78
CA VAL A 381 7.29 14.96 11.68
C VAL A 381 5.96 14.23 11.53
N THR A 382 4.93 14.98 11.15
CA THR A 382 3.61 14.41 10.92
C THR A 382 2.94 15.12 9.73
N PRO A 383 2.41 14.35 8.77
CA PRO A 383 2.41 12.88 8.72
C PRO A 383 3.85 12.40 8.55
N ALA A 384 4.08 11.11 8.77
CA ALA A 384 5.41 10.54 8.62
C ALA A 384 5.37 9.58 7.43
N PHE A 385 6.20 8.54 7.45
CA PHE A 385 6.26 7.63 6.30
C PHE A 385 5.02 6.83 5.93
N TRP A 386 3.97 6.88 6.74
CA TRP A 386 2.74 6.18 6.37
C TRP A 386 1.63 7.19 6.06
N GLY A 387 2.05 8.45 5.95
CA GLY A 387 1.17 9.56 5.61
C GLY A 387 -0.15 9.78 6.34
N ALA A 388 -0.92 10.74 5.83
CA ALA A 388 -2.22 11.05 6.40
C ALA A 388 -3.21 10.05 5.79
N HIS A 389 -2.74 9.38 4.73
CA HIS A 389 -3.51 8.39 3.99
C HIS A 389 -2.53 7.58 3.13
N ASP A 390 -2.64 6.25 3.15
CA ASP A 390 -1.74 5.42 2.35
C ASP A 390 -2.51 4.71 1.23
N TRP A 391 -2.10 3.48 0.89
CA TRP A 391 -2.72 2.75 -0.22
C TRP A 391 -4.21 2.39 -0.08
N GLN A 392 -4.67 2.15 1.14
CA GLN A 392 -6.06 1.78 1.34
C GLN A 392 -6.95 2.77 0.58
N PRO A 393 -7.70 2.28 -0.41
CA PRO A 393 -8.57 3.13 -1.22
C PRO A 393 -9.65 3.93 -0.48
N MET A 394 -9.99 5.08 -1.06
CA MET A 394 -11.05 5.91 -0.53
C MET A 394 -12.17 5.71 -1.55
N SER A 395 -13.25 6.48 -1.44
CA SER A 395 -14.33 6.35 -2.41
C SER A 395 -15.16 7.61 -2.46
N TYR A 396 -15.92 7.77 -3.55
CA TYR A 396 -16.75 8.96 -3.73
C TYR A 396 -18.22 8.56 -3.84
N ASN A 397 -19.07 9.31 -3.15
CA ASN A 397 -20.51 9.03 -3.19
C ASN A 397 -21.22 10.26 -3.74
N PRO A 398 -21.69 10.19 -4.99
CA PRO A 398 -22.40 11.31 -5.64
C PRO A 398 -23.69 11.76 -4.94
N ASP A 399 -24.27 10.89 -4.13
CA ASP A 399 -25.50 11.24 -3.44
C ASP A 399 -25.24 12.08 -2.20
N THR A 400 -23.96 12.23 -1.84
CA THR A 400 -23.60 13.04 -0.69
C THR A 400 -22.52 14.02 -1.10
N GLY A 401 -21.77 13.69 -2.13
CA GLY A 401 -20.70 14.55 -2.59
C GLY A 401 -19.50 14.45 -1.66
N LEU A 402 -19.49 13.40 -0.84
CA LEU A 402 -18.40 13.20 0.11
C LEU A 402 -17.43 12.11 -0.34
N VAL A 403 -16.16 12.30 0.02
CA VAL A 403 -15.10 11.35 -0.28
C VAL A 403 -14.75 10.71 1.05
N TYR A 404 -14.86 9.39 1.14
CA TYR A 404 -14.58 8.68 2.38
C TYR A 404 -13.14 8.17 2.42
N ILE A 405 -12.35 8.83 3.26
CA ILE A 405 -10.93 8.54 3.40
C ILE A 405 -10.47 7.80 4.66
N PRO A 406 -9.74 6.70 4.48
CA PRO A 406 -9.24 5.95 5.63
C PRO A 406 -7.95 6.68 6.03
N ALA A 407 -8.07 7.71 6.87
CA ALA A 407 -6.95 8.55 7.29
C ALA A 407 -6.11 8.10 8.48
N HIS A 408 -4.90 8.64 8.55
CA HIS A 408 -3.97 8.33 9.62
C HIS A 408 -3.44 9.57 10.29
N ILE A 409 -3.16 9.43 11.57
CA ILE A 409 -2.53 10.50 12.33
C ILE A 409 -1.34 9.79 12.97
N MET A 410 -0.20 9.91 12.32
CA MET A 410 1.04 9.29 12.78
C MET A 410 2.24 10.19 12.54
N SER A 411 3.32 9.94 13.28
CA SER A 411 4.53 10.75 13.15
C SER A 411 5.76 9.93 13.52
N ALA A 412 6.91 10.40 13.07
CA ALA A 412 8.17 9.72 13.35
C ALA A 412 9.31 10.71 13.19
N TYR A 413 10.50 10.31 13.64
CA TYR A 413 11.67 11.16 13.54
C TYR A 413 12.39 10.97 12.20
N TYR A 414 13.00 12.06 11.72
CA TYR A 414 13.78 12.04 10.49
C TYR A 414 15.09 12.70 10.84
N GLU A 415 16.17 11.92 10.85
CA GLU A 415 17.47 12.46 11.21
C GLU A 415 18.48 12.33 10.08
N HIS A 416 19.19 13.41 9.79
CA HIS A 416 20.18 13.45 8.72
C HIS A 416 21.51 12.81 9.13
N ILE A 417 22.03 11.94 8.27
CA ILE A 417 23.31 11.28 8.50
C ILE A 417 24.36 12.23 7.89
N PRO A 418 25.35 12.66 8.68
CA PRO A 418 26.41 13.57 8.22
C PRO A 418 27.25 13.13 7.00
N GLU A 419 27.56 11.85 6.91
CA GLU A 419 28.35 11.36 5.78
C GLU A 419 27.49 10.74 4.68
N ALA A 420 27.82 11.05 3.43
CA ALA A 420 27.10 10.54 2.28
C ALA A 420 27.05 9.01 2.33
N PRO A 421 25.86 8.42 2.52
CA PRO A 421 25.74 6.97 2.57
C PRO A 421 26.30 6.34 1.30
N LYS A 422 26.83 5.13 1.40
CA LYS A 422 27.40 4.45 0.24
C LYS A 422 26.49 3.27 -0.11
N ARG A 423 26.09 3.19 -1.39
CA ARG A 423 25.21 2.13 -1.85
C ARG A 423 25.70 0.74 -1.42
N ASN A 424 24.76 -0.11 -1.03
CA ASN A 424 25.09 -1.47 -0.60
C ASN A 424 24.59 -2.45 -1.65
N PRO A 425 25.38 -3.48 -1.98
CA PRO A 425 25.00 -4.49 -2.97
C PRO A 425 23.90 -5.48 -2.55
N PHE A 426 23.70 -5.66 -1.25
CA PHE A 426 22.66 -6.57 -0.78
C PHE A 426 21.29 -6.00 -1.15
N LYS A 427 20.49 -6.81 -1.86
CA LYS A 427 19.18 -6.38 -2.34
C LYS A 427 17.99 -6.47 -1.39
N SER A 428 18.18 -7.02 -0.19
CA SER A 428 17.06 -7.16 0.73
C SER A 428 17.09 -6.25 1.96
N MET A 429 17.81 -5.14 1.88
CA MET A 429 17.90 -4.23 3.01
C MET A 429 17.47 -2.82 2.60
N TYR A 430 16.74 -2.15 3.46
CA TYR A 430 16.31 -0.79 3.15
C TYR A 430 17.55 0.07 2.96
N GLN A 431 17.44 1.08 2.10
CA GLN A 431 18.53 2.02 1.87
C GLN A 431 17.84 3.37 1.68
N LEU A 432 17.50 3.97 2.81
CA LEU A 432 16.81 5.25 2.85
C LEU A 432 17.76 6.43 2.81
N GLY A 433 19.01 6.21 3.20
CA GLY A 433 19.98 7.29 3.19
C GLY A 433 19.78 8.26 4.33
N LEU A 434 19.01 7.85 5.34
CA LEU A 434 18.77 8.69 6.50
C LEU A 434 18.34 7.80 7.64
N ARG A 435 18.16 8.38 8.82
CA ARG A 435 17.76 7.63 10.00
C ARG A 435 16.33 8.03 10.34
N THR A 436 15.44 7.04 10.41
CA THR A 436 14.05 7.29 10.71
C THR A 436 13.44 6.13 11.48
N GLY A 437 12.25 6.38 12.03
CA GLY A 437 11.56 5.35 12.78
C GLY A 437 12.13 5.05 14.14
N MET A 438 13.04 5.88 14.62
CA MET A 438 13.61 5.63 15.94
C MET A 438 12.52 5.78 17.00
N MET A 439 12.46 4.82 17.90
CA MET A 439 11.48 4.83 18.98
C MET A 439 12.02 4.05 20.17
N PRO A 440 11.39 4.20 21.34
CA PRO A 440 11.86 3.48 22.52
C PRO A 440 11.95 1.99 22.32
N GLU A 441 12.85 1.37 23.07
CA GLU A 441 13.05 -0.06 23.01
C GLU A 441 12.17 -0.71 24.08
N GLY A 442 12.06 -0.02 25.22
CA GLY A 442 11.25 -0.53 26.32
C GLY A 442 9.76 -0.51 26.01
N ALA A 443 9.03 -1.47 26.57
CA ALA A 443 7.58 -1.57 26.36
C ALA A 443 6.82 -0.32 26.78
N GLU A 444 7.22 0.29 27.90
CA GLU A 444 6.52 1.49 28.37
C GLU A 444 6.57 2.57 27.31
N GLY A 445 7.78 2.83 26.80
CA GLY A 445 7.96 3.85 25.78
C GLY A 445 7.16 3.59 24.52
N LEU A 446 7.16 2.34 24.07
CA LEU A 446 6.43 1.95 22.87
C LEU A 446 4.94 2.22 23.03
N LEU A 447 4.38 1.80 24.15
CA LEU A 447 2.96 1.98 24.41
C LEU A 447 2.64 3.47 24.38
N GLU A 448 3.48 4.26 25.06
CA GLU A 448 3.28 5.70 25.12
C GLU A 448 3.31 6.31 23.72
N MET A 449 4.24 5.83 22.90
CA MET A 449 4.34 6.33 21.54
C MET A 449 3.11 5.94 20.72
N ALA A 450 2.64 4.71 20.91
CA ALA A 450 1.47 4.22 20.18
C ALA A 450 0.24 5.07 20.45
N LYS A 451 0.15 5.63 21.66
CA LYS A 451 -0.99 6.46 22.03
C LYS A 451 -1.01 7.76 21.24
N SER A 452 0.11 8.11 20.62
CA SER A 452 0.18 9.33 19.81
C SER A 452 -0.26 9.04 18.37
N TRP A 453 -0.46 7.77 18.05
CA TRP A 453 -0.89 7.37 16.71
C TRP A 453 -2.35 6.97 16.76
N SER A 454 -3.09 7.32 15.71
CA SER A 454 -4.50 6.97 15.63
C SER A 454 -4.97 7.03 14.19
N GLY A 455 -6.13 6.45 13.91
CA GLY A 455 -6.67 6.46 12.56
C GLY A 455 -8.08 7.00 12.57
N LYS A 456 -8.64 7.23 11.40
CA LYS A 456 -10.00 7.75 11.34
C LYS A 456 -10.58 7.80 9.94
N LEU A 457 -11.84 7.42 9.83
CA LEU A 457 -12.55 7.48 8.56
C LEU A 457 -13.01 8.92 8.41
N ILE A 458 -12.58 9.57 7.34
CA ILE A 458 -12.98 10.94 7.13
C ILE A 458 -13.93 11.07 5.95
N ALA A 459 -15.12 11.61 6.20
CA ALA A 459 -16.09 11.82 5.14
C ALA A 459 -15.83 13.28 4.72
N TRP A 460 -14.99 13.44 3.71
CA TRP A 460 -14.59 14.76 3.23
C TRP A 460 -15.44 15.32 2.09
N ASP A 461 -15.76 16.61 2.21
CA ASP A 461 -16.53 17.31 1.19
C ASP A 461 -15.50 18.08 0.35
N PRO A 462 -15.21 17.58 -0.87
CA PRO A 462 -14.24 18.19 -1.78
C PRO A 462 -14.55 19.60 -2.25
N VAL A 463 -15.81 20.00 -2.19
CA VAL A 463 -16.19 21.33 -2.63
C VAL A 463 -15.98 22.36 -1.51
N LYS A 464 -16.44 22.02 -0.31
CA LYS A 464 -16.30 22.92 0.84
C LYS A 464 -14.88 22.85 1.41
N GLN A 465 -14.19 21.76 1.14
CA GLN A 465 -12.84 21.57 1.68
C GLN A 465 -13.00 21.46 3.20
N GLN A 466 -13.96 20.64 3.61
CA GLN A 466 -14.25 20.42 5.03
C GLN A 466 -14.73 19.00 5.30
N ALA A 467 -14.47 18.51 6.50
CA ALA A 467 -14.92 17.17 6.88
C ALA A 467 -16.39 17.22 7.28
N ALA A 468 -17.24 16.45 6.59
CA ALA A 468 -18.67 16.42 6.89
C ALA A 468 -18.87 15.70 8.22
N TRP A 469 -18.10 14.63 8.41
CA TRP A 469 -18.11 13.85 9.65
C TRP A 469 -16.84 13.01 9.73
N GLU A 470 -16.52 12.53 10.93
CA GLU A 470 -15.34 11.71 11.14
C GLU A 470 -15.57 10.63 12.22
N VAL A 471 -14.96 9.47 12.02
CA VAL A 471 -15.07 8.35 12.95
C VAL A 471 -13.67 7.87 13.30
N PRO A 472 -13.32 7.87 14.59
CA PRO A 472 -12.00 7.46 15.06
C PRO A 472 -11.74 5.96 15.24
N TYR A 473 -10.49 5.58 15.04
CA TYR A 473 -10.04 4.20 15.19
C TYR A 473 -8.83 4.23 16.11
N VAL A 474 -8.65 3.18 16.91
CA VAL A 474 -7.55 3.11 17.85
C VAL A 474 -6.16 3.18 17.22
N THR A 475 -6.02 2.70 15.99
CA THR A 475 -4.73 2.73 15.32
C THR A 475 -4.88 2.98 13.82
N ILE A 476 -3.76 2.99 13.11
CA ILE A 476 -3.76 3.23 11.68
C ILE A 476 -3.94 1.95 10.89
N PHE A 477 -3.92 2.09 9.57
CA PHE A 477 -4.06 1.00 8.62
C PHE A 477 -5.41 0.31 8.59
N ASN A 478 -6.46 1.10 8.76
CA ASN A 478 -7.82 0.60 8.71
C ASN A 478 -8.08 0.39 7.22
N GLY A 479 -9.15 -0.32 6.88
CA GLY A 479 -9.42 -0.62 5.49
C GLY A 479 -9.86 0.46 4.53
N GLY A 480 -9.86 0.11 3.26
CA GLY A 480 -10.29 1.02 2.21
C GLY A 480 -11.80 1.10 2.30
N THR A 481 -12.39 2.09 1.64
CA THR A 481 -13.84 2.26 1.69
C THR A 481 -14.59 1.90 0.42
N LEU A 482 -15.91 1.77 0.55
CA LEU A 482 -16.82 1.46 -0.53
C LEU A 482 -18.11 2.23 -0.29
N SER A 483 -18.58 2.94 -1.30
CA SER A 483 -19.82 3.70 -1.19
C SER A 483 -20.88 3.04 -2.08
N THR A 484 -22.15 3.16 -1.70
CA THR A 484 -23.24 2.60 -2.48
C THR A 484 -24.43 3.57 -2.49
N ALA A 485 -25.36 3.35 -3.41
CA ALA A 485 -26.53 4.20 -3.54
C ALA A 485 -27.52 4.00 -2.40
N GLY A 486 -27.18 3.11 -1.47
CA GLY A 486 -28.08 2.87 -0.35
C GLY A 486 -27.72 3.70 0.87
N ASN A 487 -27.10 4.85 0.63
CA ASN A 487 -26.69 5.76 1.70
C ASN A 487 -25.75 5.02 2.65
N LEU A 488 -24.85 4.21 2.10
CA LEU A 488 -23.91 3.46 2.91
C LEU A 488 -22.46 3.60 2.45
N VAL A 489 -21.56 3.40 3.41
CA VAL A 489 -20.12 3.40 3.16
C VAL A 489 -19.65 2.22 3.97
N PHE A 490 -18.95 1.28 3.34
CA PHE A 490 -18.46 0.11 4.06
C PHE A 490 -16.97 0.25 4.30
N GLU A 491 -16.51 -0.35 5.39
CA GLU A 491 -15.09 -0.32 5.69
C GLU A 491 -14.74 -1.30 6.77
N GLY A 492 -13.57 -1.91 6.62
CA GLY A 492 -13.08 -2.85 7.62
C GLY A 492 -12.13 -2.04 8.49
N SER A 493 -11.96 -2.44 9.74
CA SER A 493 -11.07 -1.71 10.65
C SER A 493 -9.83 -2.51 10.99
N ALA A 494 -8.80 -1.82 11.47
CA ALA A 494 -7.56 -2.46 11.83
C ALA A 494 -7.77 -3.34 13.06
N ASP A 495 -8.62 -2.86 13.98
CA ASP A 495 -8.90 -3.59 15.21
C ASP A 495 -9.75 -4.85 15.04
N GLY A 496 -10.05 -5.21 13.80
CA GLY A 496 -10.76 -6.46 13.58
C GLY A 496 -12.24 -6.59 13.25
N ARG A 497 -12.82 -5.66 12.51
CA ARG A 497 -14.22 -5.81 12.17
C ARG A 497 -14.59 -5.22 10.82
N VAL A 498 -15.78 -5.58 10.34
CA VAL A 498 -16.30 -5.07 9.09
C VAL A 498 -17.47 -4.18 9.50
N ILE A 499 -17.54 -2.98 8.93
CA ILE A 499 -18.55 -2.02 9.33
C ILE A 499 -19.28 -1.33 8.19
N ALA A 500 -20.48 -0.86 8.50
CA ALA A 500 -21.29 -0.15 7.53
C ALA A 500 -21.79 1.11 8.23
N TYR A 501 -21.55 2.26 7.62
CA TYR A 501 -21.97 3.53 8.20
C TYR A 501 -22.96 4.21 7.29
N ALA A 502 -23.78 5.11 7.85
CA ALA A 502 -24.72 5.87 7.05
C ALA A 502 -23.82 6.84 6.31
N ALA A 503 -23.92 6.86 4.98
CA ALA A 503 -23.07 7.73 4.18
C ALA A 503 -23.17 9.22 4.52
N ASP A 504 -24.38 9.68 4.86
CA ASP A 504 -24.59 11.09 5.16
C ASP A 504 -24.17 11.57 6.55
N THR A 505 -24.38 10.76 7.58
CA THR A 505 -24.04 11.18 8.95
C THR A 505 -22.87 10.45 9.59
N GLY A 506 -22.59 9.23 9.14
CA GLY A 506 -21.50 8.46 9.71
C GLY A 506 -21.95 7.58 10.86
N GLU A 507 -23.26 7.51 11.07
CA GLU A 507 -23.81 6.68 12.13
C GLU A 507 -23.50 5.21 11.83
N LYS A 508 -23.01 4.49 12.83
CA LYS A 508 -22.68 3.08 12.66
C LYS A 508 -24.00 2.31 12.65
N LEU A 509 -24.26 1.59 11.57
CA LEU A 509 -25.50 0.84 11.40
C LEU A 509 -25.34 -0.68 11.45
N TRP A 510 -24.19 -1.17 11.03
CA TRP A 510 -23.94 -2.61 11.04
C TRP A 510 -22.49 -2.90 11.38
N GLU A 511 -22.28 -4.03 12.07
CA GLU A 511 -20.93 -4.39 12.48
C GLU A 511 -20.79 -5.86 12.87
N GLN A 512 -19.68 -6.47 12.46
CA GLN A 512 -19.38 -7.87 12.77
C GLN A 512 -17.88 -8.04 12.94
N PRO A 513 -17.46 -9.08 13.69
CA PRO A 513 -16.02 -9.28 13.86
C PRO A 513 -15.52 -9.85 12.53
N ALA A 514 -14.25 -9.66 12.21
CA ALA A 514 -13.71 -10.15 10.95
C ALA A 514 -12.62 -11.21 11.13
N ALA A 515 -12.32 -11.54 12.39
CA ALA A 515 -11.30 -12.53 12.74
C ALA A 515 -9.87 -12.01 12.55
N SER A 516 -9.72 -10.86 11.91
CA SER A 516 -8.42 -10.25 11.69
C SER A 516 -8.59 -8.82 11.20
N GLY A 517 -7.50 -8.05 11.15
CA GLY A 517 -7.60 -6.69 10.66
C GLY A 517 -8.05 -6.71 9.21
N VAL A 518 -8.78 -5.67 8.79
CA VAL A 518 -9.28 -5.59 7.41
C VAL A 518 -8.75 -4.32 6.76
N MET A 519 -7.75 -4.48 5.90
CA MET A 519 -7.13 -3.35 5.22
C MET A 519 -7.62 -3.16 3.79
N ALA A 520 -7.88 -4.27 3.11
CA ALA A 520 -8.33 -4.20 1.72
C ALA A 520 -9.64 -3.43 1.61
N ALA A 521 -9.88 -2.88 0.42
CA ALA A 521 -11.12 -2.15 0.18
C ALA A 521 -12.20 -3.21 0.03
N PRO A 522 -13.43 -2.89 0.49
CA PRO A 522 -14.56 -3.81 0.39
C PRO A 522 -15.15 -3.69 -1.00
N VAL A 523 -15.90 -4.70 -1.42
CA VAL A 523 -16.48 -4.70 -2.75
C VAL A 523 -17.93 -5.21 -2.70
N THR A 524 -18.78 -4.75 -3.61
CA THR A 524 -20.16 -5.22 -3.65
C THR A 524 -20.61 -5.58 -5.07
N TYR A 525 -21.38 -6.65 -5.19
CA TYR A 525 -21.87 -7.12 -6.49
C TYR A 525 -23.21 -7.83 -6.35
N SER A 526 -23.69 -8.41 -7.44
CA SER A 526 -24.96 -9.12 -7.39
C SER A 526 -24.97 -10.39 -8.24
N VAL A 527 -25.78 -11.36 -7.81
CA VAL A 527 -25.93 -12.63 -8.51
C VAL A 527 -27.39 -13.05 -8.38
N ASP A 528 -28.05 -13.26 -9.51
CA ASP A 528 -29.46 -13.64 -9.50
C ASP A 528 -30.28 -12.57 -8.78
N GLY A 529 -29.90 -11.31 -8.98
CA GLY A 529 -30.62 -10.19 -8.36
C GLY A 529 -30.39 -9.99 -6.88
N GLU A 530 -29.53 -10.80 -6.28
CA GLU A 530 -29.25 -10.70 -4.84
C GLU A 530 -27.90 -10.01 -4.62
N GLN A 531 -27.89 -8.96 -3.81
CA GLN A 531 -26.65 -8.22 -3.55
C GLN A 531 -25.75 -8.81 -2.47
N TYR A 532 -24.46 -8.91 -2.79
CA TYR A 532 -23.46 -9.42 -1.86
C TYR A 532 -22.44 -8.31 -1.58
N VAL A 533 -21.79 -8.38 -0.41
CA VAL A 533 -20.76 -7.41 -0.03
C VAL A 533 -19.59 -8.20 0.53
N THR A 534 -18.40 -8.06 -0.08
CA THR A 534 -17.26 -8.82 0.43
C THR A 534 -16.03 -8.01 0.83
N PHE A 535 -15.39 -8.48 1.90
CA PHE A 535 -14.19 -7.89 2.47
C PHE A 535 -13.08 -8.93 2.40
N MET A 536 -11.86 -8.47 2.17
CA MET A 536 -10.71 -9.35 2.13
C MET A 536 -9.99 -9.05 3.44
N ALA A 537 -10.01 -10.02 4.36
CA ALA A 537 -9.38 -9.81 5.65
C ALA A 537 -8.01 -10.48 5.75
N GLY A 538 -7.15 -9.89 6.58
CA GLY A 538 -5.81 -10.41 6.78
C GLY A 538 -4.84 -9.33 7.21
N TRP A 539 -4.65 -9.19 8.51
CA TRP A 539 -3.73 -8.20 9.07
C TRP A 539 -2.37 -8.43 8.42
N GLY A 540 -1.64 -7.35 8.17
CA GLY A 540 -0.34 -7.46 7.55
C GLY A 540 0.06 -6.17 6.86
N GLY A 541 0.93 -6.25 5.85
CA GLY A 541 1.35 -5.04 5.18
C GLY A 541 2.55 -4.46 5.89
N ALA A 542 2.82 -3.17 5.63
CA ALA A 542 3.96 -2.50 6.21
C ALA A 542 3.85 -2.17 7.69
N PHE A 543 2.70 -1.65 8.10
CA PHE A 543 2.47 -1.25 9.49
C PHE A 543 2.83 -2.32 10.53
N SER A 544 2.10 -3.43 10.50
CA SER A 544 2.31 -4.51 11.46
C SER A 544 3.57 -5.35 11.26
N THR A 545 4.40 -5.01 10.28
CA THR A 545 5.64 -5.75 10.09
C THR A 545 6.77 -4.89 10.61
N PHE A 546 6.90 -3.69 10.04
CA PHE A 546 7.95 -2.77 10.46
C PHE A 546 7.71 -2.29 11.90
N ALA A 547 6.67 -1.49 12.11
CA ALA A 547 6.36 -0.98 13.45
C ALA A 547 5.54 -2.01 14.24
N GLY A 548 6.10 -3.20 14.39
CA GLY A 548 5.43 -4.26 15.12
C GLY A 548 4.79 -3.85 16.43
N ALA A 549 5.58 -3.24 17.32
CA ALA A 549 5.12 -2.80 18.63
C ALA A 549 3.89 -1.88 18.60
N LEU A 550 4.00 -0.79 17.84
CA LEU A 550 2.89 0.17 17.76
C LEU A 550 1.61 -0.47 17.23
N SER A 551 1.76 -1.34 16.24
CA SER A 551 0.61 -2.00 15.62
C SER A 551 -0.10 -2.98 16.56
N LEU A 552 0.52 -3.29 17.69
CA LEU A 552 -0.09 -4.22 18.63
C LEU A 552 -1.38 -3.61 19.19
N ARG A 553 -1.51 -2.30 19.02
CA ARG A 553 -2.66 -1.56 19.50
C ARG A 553 -3.94 -2.04 18.80
N ALA A 554 -3.78 -2.83 17.75
CA ALA A 554 -4.93 -3.34 16.99
C ALA A 554 -5.56 -4.58 17.63
N GLY A 555 -4.75 -5.31 18.41
CA GLY A 555 -5.25 -6.50 19.08
C GLY A 555 -5.81 -7.59 18.16
N VAL A 556 -5.22 -7.75 16.99
CA VAL A 556 -5.67 -8.78 16.05
C VAL A 556 -4.51 -9.66 15.60
N GLN A 557 -4.84 -10.87 15.18
CA GLN A 557 -3.85 -11.84 14.70
C GLN A 557 -4.02 -11.98 13.20
N PRO A 558 -3.01 -12.53 12.51
CA PRO A 558 -3.16 -12.67 11.06
C PRO A 558 -4.09 -13.86 10.79
N TYR A 559 -4.88 -13.74 9.73
CA TYR A 559 -5.81 -14.79 9.33
C TYR A 559 -6.44 -14.30 8.04
N ALA A 560 -5.84 -14.71 6.93
CA ALA A 560 -6.28 -14.30 5.59
C ALA A 560 -7.43 -15.14 5.06
N GLN A 561 -8.54 -14.47 4.78
CA GLN A 561 -9.71 -15.15 4.26
C GLN A 561 -10.66 -14.16 3.60
N VAL A 562 -11.41 -14.64 2.62
CA VAL A 562 -12.38 -13.82 1.93
C VAL A 562 -13.67 -13.88 2.76
N LEU A 563 -14.25 -12.72 3.05
CA LEU A 563 -15.49 -12.66 3.83
C LEU A 563 -16.56 -11.92 3.03
N THR A 564 -17.63 -12.62 2.65
CA THR A 564 -18.69 -11.97 1.89
C THR A 564 -20.04 -12.12 2.59
N TYR A 565 -20.79 -11.03 2.61
CA TYR A 565 -22.08 -10.97 3.29
C TYR A 565 -23.26 -10.68 2.40
N LYS A 566 -24.44 -11.03 2.90
CA LYS A 566 -25.70 -10.77 2.22
C LYS A 566 -26.82 -10.77 3.25
N LEU A 567 -27.95 -10.20 2.88
CA LEU A 567 -29.10 -10.13 3.77
C LEU A 567 -29.55 -11.53 4.16
N GLY A 568 -29.62 -11.78 5.47
CA GLY A 568 -30.05 -13.08 5.95
C GLY A 568 -28.94 -14.08 6.23
N GLY A 569 -27.76 -13.86 5.67
CA GLY A 569 -26.64 -14.77 5.87
C GLY A 569 -26.50 -15.31 7.28
N THR A 570 -26.26 -16.63 7.40
CA THR A 570 -26.11 -17.27 8.71
C THR A 570 -24.83 -18.09 8.86
N ALA A 571 -23.98 -18.09 7.84
CA ALA A 571 -22.73 -18.83 7.87
C ALA A 571 -21.87 -18.39 9.06
N LYS A 572 -21.06 -19.30 9.58
CA LYS A 572 -20.20 -18.99 10.72
C LYS A 572 -18.81 -18.52 10.32
N LEU A 573 -18.33 -17.54 11.08
CA LEU A 573 -17.02 -16.93 10.87
C LEU A 573 -15.92 -17.78 11.49
N GLN A 574 -14.96 -18.20 10.67
CA GLN A 574 -13.84 -19.01 11.14
C GLN A 574 -12.81 -18.08 11.77
N GLU A 575 -12.22 -18.52 12.89
CA GLU A 575 -11.25 -17.69 13.58
C GLU A 575 -9.91 -18.38 13.81
N PRO A 576 -8.84 -17.57 13.99
CA PRO A 576 -7.49 -18.10 14.21
C PRO A 576 -7.31 -18.77 15.56
N ALA A 577 -6.44 -19.78 15.61
CA ALA A 577 -6.16 -20.49 16.85
C ALA A 577 -5.35 -19.54 17.72
N PRO A 578 -5.37 -19.76 19.05
CA PRO A 578 -4.63 -18.89 19.97
C PRO A 578 -3.13 -18.90 19.69
N ARG A 579 -2.47 -17.78 19.97
CA ARG A 579 -1.03 -17.67 19.78
C ARG A 579 -0.38 -18.66 20.74
N PRO A 580 0.61 -19.43 20.26
CA PRO A 580 1.27 -20.41 21.13
C PRO A 580 2.01 -19.74 22.28
N ASP A 581 2.34 -20.52 23.31
CA ASP A 581 3.07 -19.98 24.45
C ASP A 581 4.47 -19.67 23.97
N THR A 582 5.13 -18.69 24.58
CA THR A 582 6.48 -18.33 24.19
C THR A 582 7.52 -19.12 24.97
N PRO A 583 8.32 -19.96 24.28
CA PRO A 583 9.34 -20.72 25.00
C PRO A 583 10.31 -19.82 25.74
N LYS A 584 10.87 -20.33 26.84
CA LYS A 584 11.81 -19.54 27.63
C LYS A 584 13.13 -19.38 26.90
N PRO A 585 13.70 -18.17 26.93
CA PRO A 585 14.95 -17.83 26.28
C PRO A 585 16.17 -18.54 26.85
N PRO A 586 17.22 -18.71 26.03
CA PRO A 586 18.46 -19.38 26.46
C PRO A 586 19.22 -18.38 27.34
N ALA A 587 20.31 -18.84 27.95
CA ALA A 587 21.11 -17.98 28.81
C ALA A 587 21.51 -16.68 28.11
N LEU A 588 21.45 -15.57 28.85
CA LEU A 588 21.81 -14.26 28.32
C LEU A 588 23.33 -14.12 28.28
N SER A 589 23.82 -13.28 27.36
CA SER A 589 25.26 -13.07 27.19
C SER A 589 25.82 -11.89 27.98
N ASN A 590 27.06 -12.02 28.43
CA ASN A 590 27.73 -10.97 29.20
C ASN A 590 28.48 -10.02 28.28
N ASP A 591 28.49 -10.34 26.99
CA ASP A 591 29.19 -9.53 25.99
C ASP A 591 28.30 -8.40 25.47
N THR A 592 28.20 -7.32 26.24
CA THR A 592 27.38 -6.20 25.83
C THR A 592 27.83 -5.64 24.48
N ALA A 593 29.13 -5.51 24.29
CA ALA A 593 29.67 -4.99 23.02
C ALA A 593 29.14 -5.80 21.83
N SER A 594 29.01 -7.11 22.03
CA SER A 594 28.50 -8.02 21.01
C SER A 594 27.01 -7.75 20.81
N ILE A 595 26.30 -7.57 21.92
CA ILE A 595 24.86 -7.29 21.90
C ILE A 595 24.63 -6.03 21.10
N GLU A 596 25.34 -4.97 21.49
CA GLU A 596 25.26 -3.67 20.82
C GLU A 596 25.51 -3.82 19.31
N ALA A 597 26.57 -4.54 18.96
CA ALA A 597 26.90 -4.74 17.55
C ALA A 597 25.74 -5.40 16.82
N GLY A 598 25.13 -6.39 17.46
CA GLY A 598 24.00 -7.10 16.90
C GLY A 598 22.77 -6.22 16.70
N ALA A 599 22.54 -5.33 17.66
CA ALA A 599 21.40 -4.45 17.59
C ALA A 599 21.47 -3.61 16.33
N LYS A 600 22.66 -3.06 16.07
CA LYS A 600 22.86 -2.22 14.88
C LYS A 600 22.64 -2.99 13.58
N LEU A 601 23.04 -4.26 13.54
CA LEU A 601 22.83 -5.06 12.33
C LEU A 601 21.33 -5.31 12.15
N TYR A 602 20.68 -5.75 13.22
CA TYR A 602 19.26 -6.03 13.18
C TYR A 602 18.46 -4.82 12.66
N ASP A 603 18.80 -3.63 13.15
CA ASP A 603 18.10 -2.43 12.71
C ASP A 603 18.22 -2.20 11.21
N GLY A 604 19.37 -2.55 10.65
CA GLY A 604 19.55 -2.35 9.23
C GLY A 604 19.14 -3.49 8.32
N TYR A 605 18.99 -4.69 8.86
CA TYR A 605 18.66 -5.83 8.02
C TYR A 605 17.40 -6.65 8.34
N CYS A 606 16.86 -6.53 9.55
CA CYS A 606 15.69 -7.34 9.92
C CYS A 606 14.42 -6.61 10.33
N SER A 607 14.55 -5.33 10.71
CA SER A 607 13.40 -4.57 11.20
C SER A 607 12.16 -4.49 10.32
N GLN A 608 12.32 -4.34 9.02
CA GLN A 608 11.13 -4.22 8.16
C GLN A 608 10.23 -5.44 8.19
N CYS A 609 10.74 -6.60 8.59
CA CYS A 609 9.92 -7.81 8.63
C CYS A 609 9.68 -8.36 10.03
N HIS A 610 10.69 -8.33 10.89
CA HIS A 610 10.51 -8.86 12.23
C HIS A 610 10.20 -7.81 13.30
N GLY A 611 10.15 -6.55 12.87
CA GLY A 611 9.80 -5.47 13.78
C GLY A 611 10.90 -4.65 14.40
N ILE A 612 10.68 -3.34 14.48
CA ILE A 612 11.66 -2.44 15.10
C ILE A 612 12.00 -2.96 16.50
N HIS A 613 13.30 -3.00 16.80
CA HIS A 613 13.78 -3.47 18.10
C HIS A 613 13.29 -4.88 18.42
N ALA A 614 13.12 -5.69 17.38
CA ALA A 614 12.70 -7.07 17.53
C ALA A 614 11.31 -7.34 18.08
N VAL A 615 10.46 -6.32 18.15
CA VAL A 615 9.10 -6.55 18.62
C VAL A 615 8.21 -6.73 17.39
N SER A 616 7.83 -7.97 17.11
CA SER A 616 7.00 -8.27 15.95
C SER A 616 5.54 -7.87 16.13
N GLY A 617 4.86 -7.59 15.03
CA GLY A 617 3.45 -7.22 15.08
C GLY A 617 2.58 -8.45 15.17
N GLY A 618 3.21 -9.61 15.23
CA GLY A 618 2.47 -10.85 15.32
C GLY A 618 2.05 -11.46 13.99
N VAL A 619 2.48 -10.84 12.89
CA VAL A 619 2.15 -11.37 11.56
C VAL A 619 3.33 -12.23 11.13
N LEU A 620 4.53 -11.69 11.27
CA LEU A 620 5.73 -12.44 10.94
C LEU A 620 6.34 -12.89 12.25
N PRO A 621 7.18 -13.94 12.22
CA PRO A 621 7.81 -14.45 13.44
C PRO A 621 8.42 -13.40 14.38
N ASP A 622 8.25 -13.62 15.68
CA ASP A 622 8.85 -12.73 16.68
C ASP A 622 10.14 -13.46 17.05
N LEU A 623 11.28 -12.82 16.80
CA LEU A 623 12.56 -13.43 17.07
C LEU A 623 12.93 -13.57 18.55
N ARG A 624 12.05 -13.08 19.44
CA ARG A 624 12.29 -13.18 20.87
C ARG A 624 11.59 -14.40 21.45
N LYS A 625 10.81 -15.08 20.63
CA LYS A 625 10.07 -16.26 21.07
C LYS A 625 10.49 -17.51 20.33
N LEU A 626 11.77 -17.58 19.97
CA LEU A 626 12.30 -18.72 19.25
C LEU A 626 12.41 -19.96 20.14
N THR A 627 12.03 -21.11 19.60
CA THR A 627 12.12 -22.35 20.36
C THR A 627 13.59 -22.74 20.43
N PRO A 628 13.95 -23.61 21.37
CA PRO A 628 15.35 -24.03 21.51
C PRO A 628 15.91 -24.61 20.22
N GLU A 629 15.05 -25.29 19.47
CA GLU A 629 15.45 -25.90 18.21
C GLU A 629 15.81 -24.87 17.15
N LYS A 630 15.06 -23.77 17.10
CA LYS A 630 15.33 -22.72 16.12
C LYS A 630 16.64 -22.04 16.46
N HIS A 631 16.91 -21.85 17.75
CA HIS A 631 18.16 -21.24 18.19
C HIS A 631 19.35 -22.08 17.71
N GLN A 632 19.18 -23.40 17.72
CA GLN A 632 20.22 -24.33 17.31
C GLN A 632 20.58 -24.18 15.83
N MET A 633 19.56 -23.90 15.01
CA MET A 633 19.77 -23.74 13.58
C MET A 633 19.65 -22.29 13.11
N PHE A 634 20.08 -21.35 13.96
CA PHE A 634 20.01 -19.93 13.67
C PHE A 634 20.92 -19.52 12.50
N LEU A 635 22.10 -20.14 12.40
CA LEU A 635 23.02 -19.82 11.32
C LEU A 635 22.49 -20.38 10.00
N GLY A 636 22.04 -21.63 10.04
CA GLY A 636 21.51 -22.26 8.84
C GLY A 636 20.30 -21.52 8.30
N ILE A 637 19.50 -20.95 9.20
CA ILE A 637 18.30 -20.22 8.80
C ILE A 637 18.69 -18.89 8.19
N LEU A 638 19.57 -18.17 8.88
CA LEU A 638 20.03 -16.88 8.40
C LEU A 638 20.73 -17.02 7.05
N PHE A 639 21.35 -18.18 6.80
CA PHE A 639 22.06 -18.41 5.55
C PHE A 639 21.29 -19.12 4.45
N GLY A 640 19.96 -18.92 4.42
CA GLY A 640 19.16 -19.51 3.36
C GLY A 640 18.29 -20.72 3.66
N GLY A 641 18.42 -21.29 4.85
CA GLY A 641 17.63 -22.46 5.19
C GLY A 641 16.12 -22.26 5.23
N ARG A 642 15.64 -21.02 5.19
CA ARG A 642 14.21 -20.78 5.24
C ARG A 642 13.70 -19.95 4.07
N VAL A 643 14.48 -19.86 3.00
CA VAL A 643 14.07 -19.12 1.82
C VAL A 643 12.68 -19.50 1.33
N PRO A 644 12.37 -20.82 1.26
CA PRO A 644 11.05 -21.24 0.78
C PRO A 644 9.88 -20.59 1.51
N ASP A 645 10.14 -20.04 2.70
CA ASP A 645 9.10 -19.38 3.47
C ASP A 645 9.19 -17.84 3.39
N GLY A 646 10.02 -17.33 2.48
CA GLY A 646 10.15 -15.88 2.35
C GLY A 646 11.20 -15.26 3.26
N MET A 647 11.93 -16.10 3.98
CA MET A 647 12.99 -15.66 4.88
C MET A 647 14.25 -15.60 4.04
N PRO A 648 14.61 -14.41 3.54
CA PRO A 648 15.81 -14.26 2.71
C PRO A 648 17.09 -14.79 3.31
N SER A 649 18.05 -15.09 2.43
CA SER A 649 19.35 -15.59 2.84
C SER A 649 20.25 -14.39 3.09
N PHE A 650 21.06 -14.47 4.13
CA PHE A 650 21.98 -13.39 4.45
C PHE A 650 23.42 -13.87 4.34
N ALA A 651 23.59 -14.98 3.62
CA ALA A 651 24.90 -15.57 3.39
C ALA A 651 25.82 -14.57 2.66
N ASP A 652 25.24 -13.73 1.81
CA ASP A 652 26.02 -12.74 1.03
C ASP A 652 26.33 -11.46 1.78
N ALA A 653 25.71 -11.26 2.95
CA ALA A 653 25.93 -10.01 3.68
C ALA A 653 26.56 -10.10 5.07
N PHE A 654 26.51 -11.27 5.70
CA PHE A 654 27.05 -11.42 7.05
C PHE A 654 28.11 -12.50 7.15
N THR A 655 28.98 -12.35 8.15
CA THR A 655 30.03 -13.34 8.43
C THR A 655 29.38 -14.11 9.56
N PRO A 656 29.85 -15.34 9.85
CA PRO A 656 29.25 -16.11 10.94
C PRO A 656 29.27 -15.37 12.28
N GLU A 657 30.36 -14.66 12.57
CA GLU A 657 30.45 -13.92 13.83
C GLU A 657 29.33 -12.88 13.89
N GLN A 658 29.07 -12.21 12.78
CA GLN A 658 28.03 -11.20 12.73
C GLN A 658 26.67 -11.83 13.03
N VAL A 659 26.42 -13.00 12.47
CA VAL A 659 25.17 -13.69 12.71
C VAL A 659 25.01 -13.96 14.20
N ASP A 660 26.10 -14.37 14.85
CA ASP A 660 26.06 -14.65 16.27
C ASP A 660 25.79 -13.39 17.09
N GLN A 661 26.26 -12.24 16.59
CA GLN A 661 26.05 -10.98 17.28
C GLN A 661 24.56 -10.66 17.28
N ILE A 662 23.90 -10.87 16.15
CA ILE A 662 22.48 -10.62 16.06
C ILE A 662 21.78 -11.56 17.03
N HIS A 663 22.20 -12.82 17.01
CA HIS A 663 21.62 -13.84 17.89
C HIS A 663 21.68 -13.42 19.35
N GLN A 664 22.83 -12.93 19.78
CA GLN A 664 23.01 -12.51 21.17
C GLN A 664 22.06 -11.35 21.49
N TYR A 665 21.86 -10.46 20.53
CA TYR A 665 20.96 -9.34 20.73
C TYR A 665 19.54 -9.86 20.90
N LEU A 666 19.15 -10.80 20.05
CA LEU A 666 17.80 -11.34 20.12
C LEU A 666 17.55 -12.06 21.45
N ILE A 667 18.57 -12.76 21.95
CA ILE A 667 18.43 -13.47 23.20
C ILE A 667 18.28 -12.45 24.33
N LYS A 668 19.04 -11.36 24.25
CA LYS A 668 18.98 -10.29 25.26
C LYS A 668 17.60 -9.63 25.23
N ARG A 669 17.06 -9.42 24.03
CA ARG A 669 15.74 -8.82 23.89
C ARG A 669 14.70 -9.78 24.44
N ALA A 670 14.98 -11.08 24.36
CA ALA A 670 14.07 -12.09 24.86
C ALA A 670 13.96 -12.00 26.38
N HIS A 671 15.07 -11.66 27.03
CA HIS A 671 15.07 -11.51 28.48
C HIS A 671 14.34 -10.24 28.87
N ASP A 672 14.49 -9.19 28.06
CA ASP A 672 13.81 -7.93 28.33
C ASP A 672 12.30 -8.19 28.28
N LEU A 673 11.89 -9.00 27.32
CA LEU A 673 10.49 -9.35 27.14
C LEU A 673 9.98 -9.93 28.46
N HIS A 674 10.78 -10.82 29.04
CA HIS A 674 10.45 -11.47 30.31
C HIS A 674 10.24 -10.43 31.42
N GLN A 675 11.18 -9.51 31.58
CA GLN A 675 11.08 -8.47 32.57
C GLN A 675 9.76 -7.73 32.46
N GLU A 676 9.33 -7.50 31.23
CA GLU A 676 8.07 -6.80 30.95
C GLU A 676 6.96 -7.83 31.00
N GLY A 677 6.18 -7.88 29.93
CA GLY A 677 5.10 -8.84 29.86
C GLY A 677 3.97 -8.62 30.87
N ASP A 678 3.16 -7.62 30.55
CA ASP A 678 2.00 -7.20 31.33
C ASP A 678 1.86 -5.80 30.76
N THR A 679 3.03 -5.18 30.59
CA THR A 679 3.10 -3.86 29.99
C THR A 679 2.62 -4.14 28.56
N TRP A 680 3.00 -5.30 28.04
CA TRP A 680 2.62 -5.70 26.69
C TRP A 680 1.13 -6.02 26.63
N LYS A 681 0.60 -6.62 27.69
CA LYS A 681 -0.80 -6.98 27.73
C LYS A 681 -1.75 -5.79 27.61
N GLN A 682 -1.29 -4.61 27.98
CA GLN A 682 -2.15 -3.43 27.93
C GLN A 682 -2.10 -2.64 26.62
N PHE A 683 -1.70 -3.30 25.53
CA PHE A 683 -1.65 -2.65 24.23
C PHE A 683 -3.04 -2.74 23.58
N SER A 684 -3.77 -3.80 23.90
CA SER A 684 -5.10 -4.03 23.36
C SER A 684 -6.11 -4.34 24.46
#